data_4RQI
#
_entry.id   4RQI
#
_cell.length_a   53.790
_cell.length_b   104.850
_cell.length_c   85.310
_cell.angle_alpha   90.00
_cell.angle_beta   94.39
_cell.angle_gamma   90.00
#
_symmetry.space_group_name_H-M   'P 1 21 1'
#
loop_
_entity.id
_entity.type
_entity.pdbx_description
1 polymer 'Telomeric repeat-binding factor 2'
2 polymer 'Telomeric repeat-binding factor 2-interacting protein 1'
3 non-polymer GLYCEROL
4 non-polymer 'MAGNESIUM ION'
5 water water
#
loop_
_entity_poly.entity_id
_entity_poly.type
_entity_poly.pdbx_seq_one_letter_code
_entity_poly.pdbx_strand_id
1 'polypeptide(L)'
;AGEARLEEAVNRWVLKFYFHEALRAFRGSRYGDFRQIRDIMQALLVRPLGKEHTVSRLLRVMQCLSRIEEGENLDCSFDM
EAELTPLESAINVLEMIKTEFTLTEAVVESSRKLVKEAAVIICIKNKEFEKASKILKKHMSKDPTTQKLRNDLLNIIREK
NLAHPVIQNFSYETFQQKMLRFLESHLDDAEPYLLTMAKKALK
;
A,B,C,D
2 'polypeptide(L)' ENRERLELEAYRLGPASA E,F,G,H
#
loop_
_chem_comp.id
_chem_comp.type
_chem_comp.name
_chem_comp.formula
GOL non-polymer GLYCEROL 'C3 H8 O3'
MG non-polymer 'MAGNESIUM ION' 'Mg 2'
#
# COMPACT_ATOMS: atom_id res chain seq x y z
N ALA A 1 6.56 -29.07 -29.03
CA ALA A 1 5.66 -30.00 -28.35
C ALA A 1 5.72 -29.87 -26.85
N GLY A 2 5.66 -31.00 -26.15
CA GLY A 2 5.71 -31.02 -24.70
C GLY A 2 7.09 -30.62 -24.16
N GLU A 3 7.55 -29.47 -24.61
CA GLU A 3 8.79 -28.84 -24.16
C GLU A 3 8.65 -27.36 -24.43
N ALA A 4 7.97 -27.04 -25.53
CA ALA A 4 7.67 -25.67 -25.91
C ALA A 4 6.28 -25.32 -25.41
N ARG A 5 5.40 -26.32 -25.38
CA ARG A 5 4.06 -26.14 -24.84
C ARG A 5 4.12 -26.03 -23.32
N LEU A 6 5.24 -26.45 -22.75
CA LEU A 6 5.46 -26.29 -21.32
C LEU A 6 5.95 -24.88 -21.05
N GLU A 7 6.79 -24.38 -21.94
CA GLU A 7 7.30 -23.02 -21.83
C GLU A 7 6.17 -22.02 -22.02
N GLU A 8 5.33 -22.25 -23.02
CA GLU A 8 4.20 -21.38 -23.30
C GLU A 8 3.21 -21.36 -22.14
N ALA A 9 2.98 -22.50 -21.52
CA ALA A 9 2.06 -22.60 -20.40
C ALA A 9 2.56 -21.79 -19.22
N VAL A 10 3.82 -21.99 -18.86
CA VAL A 10 4.42 -21.27 -17.73
C VAL A 10 4.50 -19.77 -18.00
N ASN A 11 4.87 -19.40 -19.24
CA ASN A 11 4.91 -18.00 -19.62
C ASN A 11 3.54 -17.33 -19.49
N ARG A 12 2.48 -18.09 -19.77
CA ARG A 12 1.12 -17.58 -19.61
C ARG A 12 0.79 -17.40 -18.13
N TRP A 13 1.20 -18.34 -17.29
CA TRP A 13 0.98 -18.23 -15.85
C TRP A 13 1.70 -17.04 -15.27
N VAL A 14 2.96 -16.87 -15.71
CA VAL A 14 3.80 -15.79 -15.21
C VAL A 14 3.25 -14.43 -15.62
N LEU A 15 2.86 -14.31 -16.89
CA LEU A 15 2.23 -13.08 -17.38
C LEU A 15 0.94 -12.74 -16.64
N LYS A 16 0.07 -13.74 -16.49
CA LYS A 16 -1.23 -13.52 -15.86
C LYS A 16 -1.07 -13.13 -14.40
N PHE A 17 -0.03 -13.67 -13.76
CA PHE A 17 0.24 -13.34 -12.37
C PHE A 17 0.67 -11.88 -12.18
N TYR A 18 1.65 -11.44 -12.96
CA TYR A 18 2.12 -10.07 -12.86
C TYR A 18 1.09 -9.06 -13.33
N PHE A 19 0.20 -9.49 -14.22
CA PHE A 19 -0.94 -8.65 -14.59
C PHE A 19 -1.80 -8.36 -13.36
N HIS A 20 -2.05 -9.41 -12.58
CA HIS A 20 -2.79 -9.29 -11.33
C HIS A 20 -2.12 -8.37 -10.31
N GLU A 21 -0.79 -8.49 -10.18
CA GLU A 21 -0.03 -7.63 -9.27
C GLU A 21 -0.01 -6.19 -9.75
N ALA A 22 0.04 -5.99 -11.05
CA ALA A 22 0.00 -4.66 -11.62
C ALA A 22 -1.30 -3.94 -11.29
N LEU A 23 -2.41 -4.67 -11.42
CA LEU A 23 -3.72 -4.12 -11.08
C LEU A 23 -3.81 -3.78 -9.60
N ARG A 24 -3.24 -4.65 -8.76
CA ARG A 24 -3.26 -4.43 -7.31
C ARG A 24 -2.47 -3.16 -6.98
N ALA A 25 -1.33 -2.99 -7.65
CA ALA A 25 -0.48 -1.82 -7.45
C ALA A 25 -1.20 -0.54 -7.87
N PHE A 26 -1.85 -0.59 -9.03
CA PHE A 26 -2.61 0.56 -9.55
C PHE A 26 -3.76 0.90 -8.62
N ARG A 27 -4.44 -0.12 -8.13
CA ARG A 27 -5.59 0.04 -7.26
C ARG A 27 -5.22 0.77 -5.97
N GLY A 28 -4.01 0.50 -5.47
CA GLY A 28 -3.54 1.11 -4.25
C GLY A 28 -2.74 2.38 -4.47
N SER A 29 -2.83 2.92 -5.69
CA SER A 29 -2.09 4.13 -6.09
C SER A 29 -0.58 3.96 -5.92
N ARG A 30 -0.10 2.73 -6.03
CA ARG A 30 1.32 2.44 -6.02
C ARG A 30 1.86 2.37 -7.46
N TYR A 31 1.99 3.54 -8.09
CA TYR A 31 2.32 3.62 -9.51
C TYR A 31 3.79 3.32 -9.81
N GLY A 32 4.65 3.49 -8.83
CA GLY A 32 6.04 3.08 -8.98
C GLY A 32 6.12 1.57 -9.13
N ASP A 33 5.36 0.87 -8.29
CA ASP A 33 5.26 -0.58 -8.36
C ASP A 33 4.60 -1.04 -9.67
N PHE A 34 3.59 -0.30 -10.11
CA PHE A 34 2.90 -0.62 -11.36
C PHE A 34 3.84 -0.53 -12.56
N ARG A 35 4.58 0.57 -12.63
CA ARG A 35 5.53 0.78 -13.71
C ARG A 35 6.63 -0.28 -13.75
N GLN A 36 7.10 -0.73 -12.58
CA GLN A 36 8.10 -1.80 -12.53
C GLN A 36 7.55 -3.13 -13.03
N ILE A 37 6.31 -3.44 -12.63
CA ILE A 37 5.67 -4.68 -13.03
C ILE A 37 5.35 -4.65 -14.53
N ARG A 38 4.94 -3.47 -15.01
CA ARG A 38 4.70 -3.25 -16.43
C ARG A 38 5.93 -3.57 -17.28
N ASP A 39 7.10 -3.20 -16.77
CA ASP A 39 8.35 -3.42 -17.48
C ASP A 39 8.69 -4.92 -17.55
N ILE A 40 8.29 -5.66 -16.52
CA ILE A 40 8.48 -7.10 -16.49
C ILE A 40 7.59 -7.77 -17.53
N MET A 41 6.33 -7.34 -17.60
CA MET A 41 5.38 -7.87 -18.57
C MET A 41 5.81 -7.53 -19.99
N GLN A 42 6.42 -6.35 -20.16
CA GLN A 42 6.92 -5.92 -21.46
C GLN A 42 8.00 -6.87 -21.98
N ALA A 43 8.92 -7.25 -21.10
CA ALA A 43 9.98 -8.17 -21.48
C ALA A 43 9.41 -9.56 -21.70
N LEU A 44 8.29 -9.85 -21.06
CA LEU A 44 7.65 -11.15 -21.14
C LEU A 44 6.85 -11.39 -22.43
N LEU A 45 6.25 -10.34 -22.98
CA LEU A 45 5.35 -10.48 -24.13
C LEU A 45 6.06 -10.98 -25.40
N VAL A 46 7.38 -10.83 -25.46
CA VAL A 46 8.14 -11.22 -26.66
C VAL A 46 8.38 -12.73 -26.66
N ARG A 47 8.05 -13.39 -25.56
CA ARG A 47 8.23 -14.83 -25.45
C ARG A 47 7.03 -15.54 -26.05
N PRO A 48 7.20 -16.83 -26.40
CA PRO A 48 6.04 -17.56 -26.92
C PRO A 48 4.95 -17.72 -25.86
N LEU A 49 3.73 -17.36 -26.24
CA LEU A 49 2.60 -17.37 -25.32
C LEU A 49 1.45 -18.15 -25.91
N GLY A 50 1.65 -18.68 -27.12
CA GLY A 50 0.58 -19.32 -27.85
C GLY A 50 -0.33 -18.26 -28.40
N LYS A 51 -1.59 -18.63 -28.64
CA LYS A 51 -2.60 -17.68 -29.09
C LYS A 51 -3.84 -17.79 -28.24
N GLU A 52 -3.86 -17.02 -27.16
CA GLU A 52 -5.03 -16.95 -26.30
C GLU A 52 -5.63 -15.55 -26.43
N HIS A 53 -6.96 -15.48 -26.43
CA HIS A 53 -7.62 -14.21 -26.41
C HIS A 53 -7.39 -13.53 -25.07
N THR A 54 -7.18 -14.34 -24.04
CA THR A 54 -6.99 -13.84 -22.67
C THR A 54 -5.72 -13.02 -22.48
N VAL A 55 -4.61 -13.40 -23.13
CA VAL A 55 -3.39 -12.62 -22.95
C VAL A 55 -3.46 -11.36 -23.81
N SER A 56 -4.19 -11.43 -24.91
CA SER A 56 -4.39 -10.27 -25.77
C SER A 56 -5.23 -9.21 -25.06
N ARG A 57 -6.34 -9.64 -24.46
CA ARG A 57 -7.21 -8.77 -23.70
C ARG A 57 -6.45 -8.12 -22.55
N LEU A 58 -5.65 -8.97 -21.89
CA LEU A 58 -4.80 -8.59 -20.77
C LEU A 58 -3.88 -7.42 -21.15
N LEU A 59 -3.21 -7.56 -22.28
CA LEU A 59 -2.25 -6.57 -22.73
C LEU A 59 -2.90 -5.24 -23.14
N ARG A 60 -4.10 -5.28 -23.71
CA ARG A 60 -4.81 -4.07 -24.09
C ARG A 60 -5.16 -3.23 -22.86
N VAL A 61 -5.71 -3.90 -21.85
CA VAL A 61 -6.04 -3.25 -20.58
C VAL A 61 -4.76 -2.69 -19.98
N MET A 62 -3.71 -3.49 -20.04
CA MET A 62 -2.40 -3.11 -19.52
C MET A 62 -1.86 -1.89 -20.25
N GLN A 63 -2.14 -1.81 -21.55
CA GLN A 63 -1.75 -0.66 -22.35
C GLN A 63 -2.51 0.60 -21.96
N CYS A 64 -3.80 0.45 -21.69
CA CYS A 64 -4.65 1.58 -21.34
C CYS A 64 -4.19 2.19 -20.03
N LEU A 65 -4.01 1.33 -19.03
CA LEU A 65 -3.57 1.76 -17.71
C LEU A 65 -2.20 2.44 -17.76
N SER A 66 -1.33 1.96 -18.63
CA SER A 66 -0.01 2.55 -18.79
C SER A 66 -0.09 3.99 -19.27
N ARG A 67 -0.96 4.23 -20.25
CA ARG A 67 -1.13 5.55 -20.83
C ARG A 67 -1.85 6.50 -19.87
N ILE A 68 -2.81 5.96 -19.12
CA ILE A 68 -3.53 6.73 -18.12
C ILE A 68 -2.59 7.12 -16.99
N GLU A 69 -1.71 6.19 -16.62
CA GLU A 69 -0.75 6.41 -15.54
C GLU A 69 0.21 7.56 -15.85
N GLU A 70 0.58 7.70 -17.13
CA GLU A 70 1.46 8.79 -17.54
C GLU A 70 0.69 9.98 -18.10
N GLY A 71 -0.64 9.95 -17.91
CA GLY A 71 -1.52 10.93 -18.52
C GLY A 71 -1.32 12.41 -18.19
N GLU A 72 -0.69 12.71 -17.06
CA GLU A 72 -0.51 14.10 -16.68
C GLU A 72 0.74 14.71 -17.30
N ASN A 73 1.57 13.87 -17.91
CA ASN A 73 2.79 14.32 -18.59
C ASN A 73 2.59 14.50 -20.11
N LEU A 74 2.30 15.72 -20.53
CA LEU A 74 2.05 16.01 -21.94
C LEU A 74 3.33 16.00 -22.77
N ASP A 75 4.45 15.92 -22.08
CA ASP A 75 5.74 15.84 -22.75
C ASP A 75 6.15 14.40 -23.02
N CYS A 76 5.32 13.49 -22.51
CA CYS A 76 5.53 12.07 -22.68
C CYS A 76 4.79 11.59 -23.92
N SER A 77 5.37 10.65 -24.64
CA SER A 77 4.76 10.11 -25.85
C SER A 77 4.88 8.60 -25.96
N PHE A 78 3.82 7.97 -26.47
CA PHE A 78 3.75 6.52 -26.61
C PHE A 78 3.95 6.08 -28.05
N ASP A 79 3.88 7.04 -28.98
CA ASP A 79 4.18 6.76 -30.38
C ASP A 79 5.53 7.40 -30.72
N MET A 80 6.27 6.76 -31.62
CA MET A 80 7.63 7.19 -31.95
C MET A 80 7.73 8.57 -32.63
N GLU A 81 6.58 9.21 -32.87
CA GLU A 81 6.59 10.51 -33.53
C GLU A 81 6.12 11.64 -32.61
N ALA A 82 5.70 11.27 -31.40
CA ALA A 82 5.26 12.22 -30.37
C ALA A 82 4.10 13.08 -30.83
N GLU A 83 3.28 12.55 -31.73
CA GLU A 83 2.10 13.26 -32.22
C GLU A 83 1.04 13.31 -31.13
N LEU A 84 0.87 12.20 -30.41
CA LEU A 84 -0.21 12.08 -29.44
C LEU A 84 0.23 12.13 -27.98
N THR A 85 -0.56 12.84 -27.17
CA THR A 85 -0.44 12.82 -25.73
C THR A 85 -0.91 11.45 -25.23
N PRO A 86 -0.42 10.99 -24.06
CA PRO A 86 -0.76 9.66 -23.55
C PRO A 86 -2.25 9.39 -23.45
N LEU A 87 -3.04 10.41 -23.09
CA LEU A 87 -4.48 10.24 -22.98
C LEU A 87 -5.17 10.17 -24.35
N GLU A 88 -4.56 10.76 -25.37
CA GLU A 88 -5.06 10.61 -26.74
C GLU A 88 -4.82 9.17 -27.19
N SER A 89 -3.68 8.65 -26.78
CA SER A 89 -3.32 7.27 -27.05
C SER A 89 -4.23 6.29 -26.31
N ALA A 90 -4.59 6.65 -25.08
CA ALA A 90 -5.45 5.82 -24.26
C ALA A 90 -6.84 5.65 -24.88
N ILE A 91 -7.30 6.71 -25.56
CA ILE A 91 -8.59 6.69 -26.24
C ILE A 91 -8.58 5.65 -27.35
N ASN A 92 -7.48 5.58 -28.09
CA ASN A 92 -7.32 4.62 -29.17
C ASN A 92 -7.33 3.19 -28.63
N VAL A 93 -6.68 2.98 -27.50
CA VAL A 93 -6.61 1.68 -26.85
C VAL A 93 -7.98 1.22 -26.36
N LEU A 94 -8.75 2.17 -25.83
CA LEU A 94 -10.08 1.90 -25.32
C LEU A 94 -11.01 1.31 -26.38
N GLU A 95 -10.85 1.76 -27.62
CA GLU A 95 -11.65 1.25 -28.72
C GLU A 95 -11.29 -0.17 -29.08
N MET A 96 -10.01 -0.49 -28.97
CA MET A 96 -9.54 -1.84 -29.18
C MET A 96 -10.13 -2.75 -28.11
N ILE A 97 -10.20 -2.21 -26.89
CA ILE A 97 -10.75 -2.93 -25.75
C ILE A 97 -12.24 -3.18 -25.96
N LYS A 98 -12.96 -2.16 -26.44
CA LYS A 98 -14.37 -2.31 -26.75
C LYS A 98 -14.59 -3.43 -27.77
N THR A 99 -13.74 -3.45 -28.81
CA THR A 99 -13.81 -4.46 -29.84
C THR A 99 -13.51 -5.86 -29.29
N GLU A 100 -12.30 -6.02 -28.74
CA GLU A 100 -11.84 -7.33 -28.27
C GLU A 100 -12.69 -7.90 -27.13
N PHE A 101 -13.34 -7.04 -26.36
CA PHE A 101 -14.18 -7.50 -25.26
C PHE A 101 -15.64 -7.62 -25.68
N THR A 102 -15.91 -7.33 -26.96
CA THR A 102 -17.27 -7.37 -27.50
C THR A 102 -18.23 -6.58 -26.60
N LEU A 103 -17.90 -5.32 -26.36
CA LEU A 103 -18.72 -4.48 -25.51
C LEU A 103 -19.75 -3.68 -26.29
N THR A 104 -20.86 -3.35 -25.64
CA THR A 104 -21.89 -2.52 -26.24
C THR A 104 -21.48 -1.07 -26.08
N GLU A 105 -21.89 -0.24 -27.03
CA GLU A 105 -21.58 1.18 -27.02
C GLU A 105 -22.08 1.82 -25.73
N ALA A 106 -23.21 1.33 -25.23
CA ALA A 106 -23.81 1.85 -24.02
C ALA A 106 -22.92 1.56 -22.81
N VAL A 107 -22.22 0.42 -22.85
CA VAL A 107 -21.32 0.02 -21.78
C VAL A 107 -20.04 0.87 -21.78
N VAL A 108 -19.55 1.18 -22.98
CA VAL A 108 -18.28 1.90 -23.12
C VAL A 108 -18.38 3.43 -23.03
N GLU A 109 -19.50 3.99 -23.47
CA GLU A 109 -19.64 5.45 -23.63
C GLU A 109 -19.31 6.30 -22.40
N SER A 110 -19.76 5.88 -21.23
CA SER A 110 -19.54 6.65 -20.01
C SER A 110 -18.05 6.79 -19.67
N SER A 111 -17.33 5.69 -19.76
CA SER A 111 -15.92 5.70 -19.41
C SER A 111 -15.07 6.36 -20.49
N ARG A 112 -15.50 6.26 -21.75
CA ARG A 112 -14.80 6.90 -22.84
C ARG A 112 -14.93 8.40 -22.70
N LYS A 113 -16.08 8.83 -22.20
CA LYS A 113 -16.34 10.24 -21.92
C LYS A 113 -15.35 10.76 -20.89
N LEU A 114 -15.05 9.94 -19.90
CA LEU A 114 -14.11 10.30 -18.85
C LEU A 114 -12.71 10.56 -19.39
N VAL A 115 -12.24 9.66 -20.26
CA VAL A 115 -10.91 9.78 -20.85
C VAL A 115 -10.78 11.01 -21.72
N LYS A 116 -11.81 11.28 -22.51
CA LYS A 116 -11.83 12.45 -23.38
C LYS A 116 -11.79 13.73 -22.56
N GLU A 117 -12.61 13.77 -21.51
CA GLU A 117 -12.67 14.92 -20.61
C GLU A 117 -11.32 15.14 -19.94
N ALA A 118 -10.67 14.06 -19.51
CA ALA A 118 -9.39 14.19 -18.84
C ALA A 118 -8.30 14.67 -19.79
N ALA A 119 -8.34 14.19 -21.03
CA ALA A 119 -7.34 14.56 -22.02
C ALA A 119 -7.35 16.06 -22.28
N VAL A 120 -8.54 16.64 -22.39
CA VAL A 120 -8.69 18.06 -22.65
C VAL A 120 -8.34 18.90 -21.43
N ILE A 121 -8.85 18.50 -20.26
CA ILE A 121 -8.64 19.25 -19.02
C ILE A 121 -7.17 19.35 -18.62
N ILE A 122 -6.40 18.29 -18.84
CA ILE A 122 -4.97 18.32 -18.52
C ILE A 122 -4.25 19.35 -19.39
N CYS A 123 -4.64 19.39 -20.65
CA CYS A 123 -4.11 20.38 -21.59
C CYS A 123 -4.44 21.80 -21.15
N ILE A 124 -5.68 22.00 -20.72
CA ILE A 124 -6.16 23.28 -20.22
C ILE A 124 -5.38 23.68 -18.97
N LYS A 125 -5.24 22.72 -18.05
CA LYS A 125 -4.48 22.93 -16.81
C LYS A 125 -3.04 23.34 -17.07
N ASN A 126 -2.48 22.88 -18.19
CA ASN A 126 -1.12 23.24 -18.55
C ASN A 126 -1.10 24.43 -19.49
N LYS A 127 -2.26 25.06 -19.66
CA LYS A 127 -2.42 26.22 -20.54
C LYS A 127 -2.04 25.89 -21.98
N GLU A 128 -2.21 24.64 -22.37
CA GLU A 128 -1.98 24.21 -23.74
C GLU A 128 -3.30 24.25 -24.51
N PHE A 129 -3.79 25.45 -24.74
CA PHE A 129 -5.14 25.67 -25.27
C PHE A 129 -5.33 25.23 -26.73
N GLU A 130 -4.29 25.38 -27.56
CA GLU A 130 -4.36 24.95 -28.95
C GLU A 130 -4.58 23.44 -28.98
N LYS A 131 -3.77 22.73 -28.22
CA LYS A 131 -3.90 21.29 -28.09
C LYS A 131 -5.27 20.89 -27.56
N ALA A 132 -5.75 21.63 -26.56
CA ALA A 132 -7.06 21.37 -25.98
C ALA A 132 -8.16 21.48 -27.03
N SER A 133 -8.09 22.54 -27.84
CA SER A 133 -9.07 22.79 -28.89
C SER A 133 -9.09 21.67 -29.92
N LYS A 134 -7.90 21.26 -30.36
CA LYS A 134 -7.73 20.17 -31.32
C LYS A 134 -8.35 18.86 -30.82
N ILE A 135 -7.93 18.42 -29.64
CA ILE A 135 -8.46 17.21 -29.02
C ILE A 135 -9.97 17.31 -28.86
N LEU A 136 -10.44 18.48 -28.43
CA LEU A 136 -11.87 18.72 -28.27
C LEU A 136 -12.60 18.54 -29.60
N LYS A 137 -12.05 19.17 -30.63
CA LYS A 137 -12.64 19.12 -31.97
C LYS A 137 -12.66 17.69 -32.51
N LYS A 138 -11.57 16.96 -32.30
CA LYS A 138 -11.43 15.63 -32.87
C LYS A 138 -12.15 14.53 -32.08
N HIS A 139 -12.58 14.82 -30.85
CA HIS A 139 -13.09 13.75 -29.99
C HIS A 139 -14.43 14.05 -29.34
N MET A 140 -15.04 15.18 -29.68
CA MET A 140 -16.27 15.59 -29.02
C MET A 140 -17.22 16.31 -29.96
N SER A 141 -16.72 16.69 -31.12
CA SER A 141 -17.53 17.36 -32.13
C SER A 141 -18.62 16.43 -32.66
N LYS A 142 -18.32 15.14 -32.68
CA LYS A 142 -19.22 14.17 -33.30
C LYS A 142 -19.63 13.05 -32.35
N ASP A 143 -19.83 13.40 -31.07
CA ASP A 143 -20.13 12.40 -30.05
C ASP A 143 -21.33 12.88 -29.24
N PRO A 144 -22.44 12.13 -29.28
CA PRO A 144 -23.72 12.57 -28.76
C PRO A 144 -23.71 12.85 -27.26
N THR A 145 -23.07 11.98 -26.50
CA THR A 145 -23.06 12.04 -25.04
C THR A 145 -22.11 13.10 -24.47
N THR A 146 -21.23 13.65 -25.31
CA THR A 146 -20.24 14.63 -24.85
C THR A 146 -20.60 16.09 -25.11
N GLN A 147 -21.71 16.33 -25.79
CA GLN A 147 -22.05 17.69 -26.26
C GLN A 147 -22.17 18.72 -25.15
N LYS A 148 -22.81 18.35 -24.05
CA LYS A 148 -23.08 19.25 -22.94
C LYS A 148 -21.76 19.70 -22.34
N LEU A 149 -20.87 18.74 -22.14
CA LEU A 149 -19.53 18.94 -21.60
C LEU A 149 -18.64 19.68 -22.61
N ARG A 150 -18.75 19.28 -23.87
CA ARG A 150 -18.00 19.90 -24.96
C ARG A 150 -18.22 21.40 -24.99
N ASN A 151 -19.47 21.79 -24.72
CA ASN A 151 -19.85 23.19 -24.70
C ASN A 151 -19.19 23.96 -23.55
N ASP A 152 -19.13 23.34 -22.39
CA ASP A 152 -18.48 23.96 -21.24
C ASP A 152 -17.00 24.18 -21.53
N LEU A 153 -16.35 23.18 -22.13
CA LEU A 153 -14.93 23.22 -22.39
C LEU A 153 -14.52 24.25 -23.44
N LEU A 154 -15.32 24.43 -24.50
CA LEU A 154 -15.01 25.45 -25.50
C LEU A 154 -14.97 26.82 -24.86
N ASN A 155 -15.96 27.09 -24.03
CA ASN A 155 -16.07 28.37 -23.35
C ASN A 155 -14.92 28.57 -22.37
N ILE A 156 -14.54 27.50 -21.67
CA ILE A 156 -13.42 27.56 -20.74
C ILE A 156 -12.14 27.91 -21.48
N ILE A 157 -11.91 27.23 -22.60
CA ILE A 157 -10.71 27.46 -23.42
C ILE A 157 -10.65 28.87 -23.98
N ARG A 158 -11.75 29.32 -24.56
CA ARG A 158 -11.84 30.64 -25.19
C ARG A 158 -11.71 31.76 -24.16
N GLU A 159 -12.22 31.53 -22.96
CA GLU A 159 -12.12 32.53 -21.91
C GLU A 159 -10.86 32.31 -21.06
N LYS A 160 -10.11 31.25 -21.39
CA LYS A 160 -8.92 30.86 -20.62
C LYS A 160 -9.22 30.80 -19.13
N ASN A 161 -10.35 30.20 -18.79
CA ASN A 161 -10.89 30.27 -17.43
C ASN A 161 -10.57 29.02 -16.60
N LEU A 162 -9.38 29.00 -16.01
CA LEU A 162 -8.92 27.86 -15.22
C LEU A 162 -9.68 27.74 -13.89
N ALA A 163 -10.44 28.78 -13.55
CA ALA A 163 -11.13 28.82 -12.27
C ALA A 163 -12.52 28.23 -12.34
N HIS A 164 -12.91 27.80 -13.53
CA HIS A 164 -14.20 27.14 -13.74
C HIS A 164 -14.28 25.86 -12.91
N PRO A 165 -15.46 25.58 -12.33
CA PRO A 165 -15.67 24.40 -11.49
C PRO A 165 -15.27 23.10 -12.19
N VAL A 166 -15.58 22.98 -13.48
CA VAL A 166 -15.21 21.79 -14.25
C VAL A 166 -13.71 21.53 -14.18
N ILE A 167 -12.92 22.60 -14.14
CA ILE A 167 -11.47 22.49 -14.03
C ILE A 167 -11.03 22.30 -12.57
N GLN A 168 -11.63 23.07 -11.66
CA GLN A 168 -11.21 23.05 -10.26
C GLN A 168 -11.61 21.78 -9.52
N ASN A 169 -12.71 21.17 -9.93
CA ASN A 169 -13.19 19.98 -9.24
C ASN A 169 -12.59 18.71 -9.83
N PHE A 170 -11.88 18.84 -10.94
CA PHE A 170 -11.26 17.68 -11.58
C PHE A 170 -10.13 17.13 -10.71
N SER A 171 -10.20 15.84 -10.43
CA SER A 171 -9.15 15.16 -9.69
C SER A 171 -8.58 14.03 -10.55
N TYR A 172 -7.29 14.10 -10.88
CA TYR A 172 -6.72 13.07 -11.73
C TYR A 172 -6.65 11.73 -11.01
N GLU A 173 -6.42 11.77 -9.70
CA GLU A 173 -6.42 10.54 -8.90
C GLU A 173 -7.78 9.86 -8.95
N THR A 174 -8.84 10.67 -8.86
CA THR A 174 -10.20 10.17 -8.91
C THR A 174 -10.51 9.59 -10.30
N PHE A 175 -10.01 10.25 -11.33
CA PHE A 175 -10.17 9.82 -12.72
C PHE A 175 -9.55 8.46 -12.99
N GLN A 176 -8.30 8.28 -12.54
CA GLN A 176 -7.59 7.02 -12.71
C GLN A 176 -8.34 5.85 -12.12
N GLN A 177 -8.81 6.02 -10.88
CA GLN A 177 -9.44 4.96 -10.14
C GLN A 177 -10.80 4.59 -10.73
N LYS A 178 -11.48 5.58 -11.30
CA LYS A 178 -12.76 5.34 -11.96
C LYS A 178 -12.56 4.47 -13.19
N MET A 179 -11.48 4.74 -13.93
CA MET A 179 -11.19 3.99 -15.14
C MET A 179 -10.84 2.55 -14.81
N LEU A 180 -10.07 2.37 -13.74
CA LEU A 180 -9.68 1.04 -13.30
C LEU A 180 -10.87 0.17 -12.93
N ARG A 181 -11.86 0.72 -12.21
CA ARG A 181 -13.02 -0.08 -11.81
C ARG A 181 -13.81 -0.50 -13.04
N PHE A 182 -13.83 0.38 -14.05
CA PHE A 182 -14.48 0.03 -15.31
C PHE A 182 -13.79 -1.15 -15.98
N LEU A 183 -12.47 -1.07 -16.08
CA LEU A 183 -11.70 -2.12 -16.74
C LEU A 183 -11.76 -3.42 -15.97
N GLU A 184 -11.71 -3.32 -14.64
CA GLU A 184 -11.76 -4.51 -13.79
C GLU A 184 -13.13 -5.20 -13.85
N SER A 185 -14.16 -4.43 -14.18
CA SER A 185 -15.52 -4.97 -14.21
C SER A 185 -15.78 -5.85 -15.43
N HIS A 186 -14.85 -5.83 -16.38
CA HIS A 186 -15.00 -6.61 -17.59
C HIS A 186 -13.90 -7.66 -17.69
N LEU A 187 -13.24 -7.90 -16.55
CA LEU A 187 -12.15 -8.86 -16.42
C LEU A 187 -12.59 -10.09 -15.64
N ASP A 188 -12.11 -11.25 -16.06
CA ASP A 188 -12.25 -12.47 -15.27
C ASP A 188 -11.56 -12.23 -13.94
N ASP A 189 -12.38 -11.98 -12.93
CA ASP A 189 -11.90 -11.55 -11.62
C ASP A 189 -11.42 -12.70 -10.75
N ALA A 190 -10.93 -13.76 -11.36
CA ALA A 190 -10.45 -14.89 -10.59
C ALA A 190 -8.96 -14.74 -10.32
N GLU A 191 -8.55 -15.21 -9.15
CA GLU A 191 -7.17 -15.14 -8.71
C GLU A 191 -6.25 -15.98 -9.60
N PRO A 192 -5.06 -15.45 -9.92
CA PRO A 192 -4.13 -16.15 -10.83
C PRO A 192 -3.55 -17.43 -10.21
N TYR A 193 -3.37 -18.45 -11.05
CA TYR A 193 -2.94 -19.77 -10.63
C TYR A 193 -1.68 -19.77 -9.76
N LEU A 194 -0.72 -18.93 -10.10
CA LEU A 194 0.54 -18.85 -9.37
C LEU A 194 0.36 -18.36 -7.94
N LEU A 195 -0.54 -17.40 -7.76
CA LEU A 195 -0.80 -16.87 -6.43
C LEU A 195 -1.47 -17.95 -5.57
N THR A 196 -2.45 -18.62 -6.16
CA THR A 196 -3.16 -19.72 -5.51
C THR A 196 -2.21 -20.85 -5.10
N MET A 197 -1.26 -21.19 -5.98
CA MET A 197 -0.28 -22.22 -5.65
C MET A 197 0.64 -21.75 -4.54
N ALA A 198 0.94 -20.47 -4.50
CA ALA A 198 1.81 -19.93 -3.48
C ALA A 198 1.09 -19.92 -2.14
N LYS A 199 -0.22 -19.72 -2.18
CA LYS A 199 -1.01 -19.71 -0.95
C LYS A 199 -1.07 -21.10 -0.33
N LYS A 200 -1.13 -22.13 -1.17
CA LYS A 200 -1.08 -23.51 -0.69
C LYS A 200 0.29 -23.87 -0.13
N ALA A 201 1.34 -23.45 -0.83
CA ALA A 201 2.70 -23.86 -0.50
C ALA A 201 3.16 -23.24 0.82
N LEU A 202 2.67 -22.03 1.09
CA LEU A 202 3.06 -21.31 2.30
C LEU A 202 2.13 -21.65 3.46
N LYS A 203 0.98 -22.23 3.14
CA LYS A 203 -0.01 -22.62 4.16
C LYS A 203 0.58 -23.62 5.15
N GLY B 2 2.71 -15.45 4.16
CA GLY B 2 1.73 -14.40 4.42
C GLY B 2 1.84 -13.28 3.41
N GLU B 3 1.36 -12.10 3.79
CA GLU B 3 1.39 -10.95 2.90
C GLU B 3 2.83 -10.64 2.51
N ALA B 4 3.03 -10.14 1.30
CA ALA B 4 4.35 -9.76 0.78
C ALA B 4 5.31 -10.95 0.64
N ARG B 5 5.23 -11.91 1.55
CA ARG B 5 6.03 -13.13 1.45
C ARG B 5 5.50 -14.05 0.36
N LEU B 6 4.30 -13.75 -0.14
CA LEU B 6 3.72 -14.49 -1.25
C LEU B 6 4.35 -14.00 -2.54
N GLU B 7 4.58 -12.70 -2.63
CA GLU B 7 5.20 -12.12 -3.81
C GLU B 7 6.64 -12.59 -3.96
N GLU B 8 7.37 -12.61 -2.85
CA GLU B 8 8.77 -13.06 -2.85
C GLU B 8 8.87 -14.52 -3.27
N ALA B 9 7.91 -15.33 -2.84
CA ALA B 9 7.91 -16.75 -3.17
C ALA B 9 7.74 -16.95 -4.67
N VAL B 10 6.74 -16.30 -5.25
CA VAL B 10 6.47 -16.40 -6.68
C VAL B 10 7.63 -15.82 -7.49
N ASN B 11 8.18 -14.70 -7.04
CA ASN B 11 9.31 -14.08 -7.72
C ASN B 11 10.52 -15.02 -7.79
N ARG B 12 10.72 -15.80 -6.74
CA ARG B 12 11.81 -16.77 -6.71
C ARG B 12 11.57 -17.94 -7.67
N TRP B 13 10.33 -18.40 -7.74
CA TRP B 13 9.95 -19.49 -8.63
C TRP B 13 10.16 -19.07 -10.08
N VAL B 14 9.75 -17.85 -10.37
CA VAL B 14 9.84 -17.29 -11.72
C VAL B 14 11.30 -17.10 -12.12
N LEU B 15 12.10 -16.54 -11.22
CA LEU B 15 13.52 -16.35 -11.48
C LEU B 15 14.20 -17.69 -11.74
N LYS B 16 13.94 -18.67 -10.86
CA LYS B 16 14.56 -19.98 -10.99
C LYS B 16 14.10 -20.70 -12.25
N PHE B 17 12.85 -20.49 -12.64
CA PHE B 17 12.34 -21.10 -13.87
C PHE B 17 13.03 -20.54 -15.10
N TYR B 18 13.07 -19.21 -15.21
CA TYR B 18 13.71 -18.58 -16.36
C TYR B 18 15.22 -18.79 -16.35
N PHE B 19 15.80 -19.01 -15.18
CA PHE B 19 17.18 -19.44 -15.11
C PHE B 19 17.34 -20.79 -15.80
N HIS B 20 16.41 -21.69 -15.54
CA HIS B 20 16.42 -23.02 -16.15
C HIS B 20 16.27 -22.93 -17.67
N GLU B 21 15.38 -22.06 -18.13
CA GLU B 21 15.17 -21.87 -19.57
C GLU B 21 16.35 -21.20 -20.26
N ALA B 22 17.00 -20.28 -19.56
CA ALA B 22 18.17 -19.59 -20.09
C ALA B 22 19.29 -20.56 -20.39
N LEU B 23 19.53 -21.49 -19.46
CA LEU B 23 20.55 -22.51 -19.66
C LEU B 23 20.18 -23.43 -20.82
N ARG B 24 18.90 -23.79 -20.93
CA ARG B 24 18.42 -24.63 -22.02
C ARG B 24 18.60 -23.95 -23.38
N ALA B 25 18.30 -22.66 -23.44
CA ALA B 25 18.44 -21.92 -24.67
C ALA B 25 19.91 -21.82 -25.06
N PHE B 26 20.76 -21.54 -24.06
CA PHE B 26 22.19 -21.42 -24.29
C PHE B 26 22.78 -22.75 -24.75
N ARG B 27 22.32 -23.84 -24.14
CA ARG B 27 22.79 -25.18 -24.48
C ARG B 27 22.48 -25.55 -25.93
N GLY B 28 21.35 -25.06 -26.42
CA GLY B 28 20.93 -25.33 -27.78
C GLY B 28 21.40 -24.26 -28.76
N SER B 29 22.33 -23.43 -28.30
CA SER B 29 22.87 -22.33 -29.10
C SER B 29 21.79 -21.38 -29.58
N ARG B 30 20.70 -21.29 -28.84
CA ARG B 30 19.63 -20.34 -29.12
C ARG B 30 19.85 -19.05 -28.31
N TYR B 31 20.83 -18.25 -28.74
CA TYR B 31 21.27 -17.10 -27.96
C TYR B 31 20.29 -15.94 -28.03
N GLY B 32 19.44 -15.92 -29.06
CA GLY B 32 18.38 -14.93 -29.14
C GLY B 32 17.36 -15.16 -28.04
N ASP B 33 16.98 -16.41 -27.84
CA ASP B 33 16.07 -16.78 -26.76
C ASP B 33 16.73 -16.53 -25.39
N PHE B 34 18.03 -16.80 -25.30
CA PHE B 34 18.76 -16.56 -24.06
C PHE B 34 18.75 -15.10 -23.68
N ARG B 35 19.04 -14.24 -24.65
CA ARG B 35 19.08 -12.80 -24.41
C ARG B 35 17.73 -12.26 -23.95
N GLN B 36 16.65 -12.75 -24.55
CA GLN B 36 15.30 -12.33 -24.18
C GLN B 36 14.96 -12.74 -22.74
N ILE B 37 15.35 -13.96 -22.39
CA ILE B 37 15.09 -14.47 -21.06
C ILE B 37 15.93 -13.70 -20.03
N ARG B 38 17.16 -13.38 -20.40
CA ARG B 38 18.04 -12.56 -19.58
C ARG B 38 17.39 -11.21 -19.25
N ASP B 39 16.71 -10.63 -20.24
CA ASP B 39 16.10 -9.32 -20.06
C ASP B 39 14.92 -9.39 -19.09
N ILE B 40 14.24 -10.53 -19.08
CA ILE B 40 13.15 -10.77 -18.14
C ILE B 40 13.68 -10.89 -16.72
N MET B 41 14.76 -11.65 -16.55
CA MET B 41 15.36 -11.84 -15.25
C MET B 41 15.92 -10.52 -14.71
N GLN B 42 16.43 -9.69 -15.61
CA GLN B 42 16.94 -8.37 -15.25
C GLN B 42 15.82 -7.47 -14.71
N ALA B 43 14.67 -7.51 -15.38
CA ALA B 43 13.53 -6.70 -14.98
C ALA B 43 12.97 -7.16 -13.64
N LEU B 44 13.20 -8.43 -13.31
CA LEU B 44 12.75 -9.02 -12.06
C LEU B 44 13.59 -8.60 -10.86
N LEU B 45 14.86 -8.32 -11.11
CA LEU B 45 15.82 -8.03 -10.04
C LEU B 45 15.39 -6.82 -9.23
N VAL B 46 14.52 -6.03 -9.83
CA VAL B 46 14.06 -4.80 -9.22
C VAL B 46 12.95 -5.10 -8.20
N ARG B 47 12.41 -6.31 -8.24
CA ARG B 47 11.37 -6.73 -7.30
C ARG B 47 11.95 -7.40 -6.04
N PRO B 48 11.15 -7.48 -4.96
CA PRO B 48 11.57 -8.21 -3.76
C PRO B 48 11.68 -9.72 -4.00
N LEU B 49 12.77 -10.32 -3.56
CA LEU B 49 13.01 -11.74 -3.80
C LEU B 49 13.29 -12.47 -2.49
N GLY B 50 13.30 -11.73 -1.39
CA GLY B 50 13.74 -12.28 -0.12
C GLY B 50 15.24 -12.40 -0.24
N LYS B 51 15.85 -13.25 0.58
CA LYS B 51 17.29 -13.45 0.45
C LYS B 51 17.72 -14.91 0.52
N GLU B 52 17.85 -15.54 -0.64
CA GLU B 52 18.36 -16.91 -0.68
C GLU B 52 19.76 -16.95 -1.26
N HIS B 53 20.58 -17.84 -0.71
CA HIS B 53 21.95 -18.04 -1.18
C HIS B 53 21.94 -18.64 -2.58
N THR B 54 20.89 -19.40 -2.88
CA THR B 54 20.75 -20.09 -4.15
C THR B 54 20.55 -19.12 -5.32
N VAL B 55 19.83 -18.03 -5.09
CA VAL B 55 19.59 -17.08 -6.18
C VAL B 55 20.82 -16.20 -6.40
N SER B 56 21.62 -16.01 -5.37
CA SER B 56 22.85 -15.24 -5.53
C SER B 56 23.81 -16.00 -6.44
N ARG B 57 23.99 -17.28 -6.15
CA ARG B 57 24.80 -18.17 -6.96
C ARG B 57 24.25 -18.22 -8.39
N LEU B 58 22.93 -18.32 -8.48
CA LEU B 58 22.20 -18.33 -9.75
C LEU B 58 22.52 -17.11 -10.61
N LEU B 59 22.44 -15.93 -10.00
CA LEU B 59 22.64 -14.67 -10.70
C LEU B 59 24.08 -14.50 -11.18
N ARG B 60 25.04 -15.01 -10.40
CA ARG B 60 26.45 -14.93 -10.77
C ARG B 60 26.72 -15.72 -12.05
N VAL B 61 26.20 -16.94 -12.10
CA VAL B 61 26.31 -17.80 -13.27
C VAL B 61 25.65 -17.11 -14.46
N MET B 62 24.48 -16.54 -14.20
CA MET B 62 23.72 -15.82 -15.21
C MET B 62 24.51 -14.62 -15.73
N GLN B 63 25.25 -13.99 -14.84
CA GLN B 63 26.12 -12.86 -15.18
C GLN B 63 27.28 -13.29 -16.07
N CYS B 64 27.86 -14.43 -15.75
CA CYS B 64 29.02 -14.93 -16.50
C CYS B 64 28.60 -15.26 -17.93
N LEU B 65 27.50 -15.98 -18.06
CA LEU B 65 26.96 -16.35 -19.37
C LEU B 65 26.58 -15.14 -20.21
N SER B 66 26.05 -14.10 -19.55
CA SER B 66 25.65 -12.88 -20.26
C SER B 66 26.84 -12.19 -20.91
N ARG B 67 27.96 -12.11 -20.17
CA ARG B 67 29.16 -11.45 -20.67
C ARG B 67 29.81 -12.30 -21.75
N ILE B 68 29.76 -13.62 -21.56
CA ILE B 68 30.30 -14.56 -22.53
C ILE B 68 29.48 -14.52 -23.82
N GLU B 69 28.16 -14.42 -23.68
CA GLU B 69 27.28 -14.37 -24.85
C GLU B 69 27.54 -13.14 -25.72
N GLU B 70 27.84 -12.01 -25.09
CA GLU B 70 28.10 -10.77 -25.81
C GLU B 70 29.59 -10.53 -26.01
N GLY B 71 30.41 -11.56 -25.78
CA GLY B 71 31.85 -11.41 -25.79
C GLY B 71 32.49 -10.89 -27.06
N GLU B 72 31.82 -11.06 -28.19
CA GLU B 72 32.36 -10.60 -29.47
C GLU B 72 32.03 -9.15 -29.78
N ASN B 73 31.14 -8.56 -28.99
CA ASN B 73 30.75 -7.16 -29.20
C ASN B 73 31.55 -6.26 -28.26
N LEU B 74 32.67 -5.72 -28.75
CA LEU B 74 33.58 -4.91 -27.94
C LEU B 74 33.07 -3.50 -27.64
N ASP B 75 32.03 -3.07 -28.35
CA ASP B 75 31.40 -1.79 -28.05
C ASP B 75 30.38 -1.94 -26.92
N CYS B 76 30.23 -3.17 -26.45
CA CYS B 76 29.35 -3.45 -25.31
C CYS B 76 30.13 -3.29 -24.01
N SER B 77 29.47 -2.76 -22.98
CA SER B 77 30.09 -2.57 -21.68
C SER B 77 29.15 -3.01 -20.57
N PHE B 78 29.69 -3.74 -19.60
CA PHE B 78 28.87 -4.26 -18.52
C PHE B 78 29.13 -3.52 -17.21
N ASP B 79 30.26 -2.82 -17.14
CA ASP B 79 30.57 -2.01 -15.97
C ASP B 79 30.59 -0.52 -16.27
N MET B 80 30.14 0.28 -15.30
CA MET B 80 30.09 1.74 -15.44
C MET B 80 31.24 2.46 -14.72
N GLU B 81 32.46 2.17 -15.15
CA GLU B 81 33.66 2.83 -14.67
C GLU B 81 34.78 2.45 -15.62
N ALA B 82 34.50 1.41 -16.40
CA ALA B 82 35.40 0.85 -17.38
C ALA B 82 34.69 0.97 -18.74
N GLU B 83 35.32 0.85 -19.93
CA GLU B 83 36.70 0.51 -20.33
C GLU B 83 37.07 -0.98 -20.24
N LEU B 84 36.17 -1.83 -19.72
CA LEU B 84 36.40 -3.28 -19.79
C LEU B 84 35.61 -3.89 -20.93
N THR B 85 36.24 -4.78 -21.68
CA THR B 85 35.54 -5.60 -22.65
C THR B 85 34.72 -6.63 -21.89
N PRO B 86 33.61 -7.11 -22.48
CA PRO B 86 32.71 -8.06 -21.80
C PRO B 86 33.39 -9.32 -21.28
N LEU B 87 34.41 -9.84 -21.98
CA LEU B 87 35.10 -11.04 -21.53
C LEU B 87 36.01 -10.74 -20.34
N GLU B 88 36.43 -9.49 -20.20
CA GLU B 88 37.17 -9.06 -19.01
C GLU B 88 36.24 -9.08 -17.81
N SER B 89 35.00 -8.66 -18.05
CA SER B 89 33.97 -8.69 -17.02
C SER B 89 33.67 -10.12 -16.61
N ALA B 90 33.71 -11.02 -17.59
CA ALA B 90 33.46 -12.43 -17.34
C ALA B 90 34.51 -13.00 -16.41
N ILE B 91 35.75 -12.53 -16.55
CA ILE B 91 36.85 -12.95 -15.69
C ILE B 91 36.60 -12.52 -14.25
N ASN B 92 36.11 -11.29 -14.07
CA ASN B 92 35.78 -10.79 -12.74
C ASN B 92 34.63 -11.56 -12.10
N VAL B 93 33.62 -11.89 -12.90
CA VAL B 93 32.47 -12.67 -12.43
C VAL B 93 32.91 -14.06 -12.03
N LEU B 94 33.82 -14.63 -12.81
CA LEU B 94 34.35 -15.97 -12.56
C LEU B 94 35.00 -16.06 -11.18
N GLU B 95 35.66 -14.98 -10.77
CA GLU B 95 36.28 -14.93 -9.45
C GLU B 95 35.24 -14.86 -8.33
N MET B 96 34.14 -14.16 -8.60
CA MET B 96 33.04 -14.13 -7.64
C MET B 96 32.46 -15.53 -7.51
N ILE B 97 32.38 -16.23 -8.63
CA ILE B 97 31.85 -17.59 -8.66
C ILE B 97 32.77 -18.54 -7.88
N LYS B 98 34.08 -18.38 -8.05
CA LYS B 98 35.05 -19.18 -7.30
C LYS B 98 34.87 -19.03 -5.80
N THR B 99 34.72 -17.78 -5.36
CA THR B 99 34.52 -17.48 -3.94
C THR B 99 33.18 -18.00 -3.43
N GLU B 100 32.10 -17.52 -4.04
CA GLU B 100 30.74 -17.82 -3.59
C GLU B 100 30.38 -19.31 -3.69
N PHE B 101 31.03 -20.04 -4.60
CA PHE B 101 30.77 -21.48 -4.73
C PHE B 101 31.81 -22.23 -3.90
N THR B 102 32.69 -21.46 -3.26
CA THR B 102 33.80 -21.99 -2.47
C THR B 102 34.54 -23.03 -3.27
N LEU B 103 34.97 -22.65 -4.48
CA LEU B 103 35.71 -23.55 -5.35
C LEU B 103 37.20 -23.33 -5.15
N THR B 104 37.97 -24.38 -5.46
CA THR B 104 39.43 -24.30 -5.36
C THR B 104 40.02 -23.68 -6.62
N GLU B 105 41.15 -23.00 -6.45
CA GLU B 105 41.83 -22.36 -7.57
C GLU B 105 42.16 -23.33 -8.70
N ALA B 106 42.50 -24.56 -8.34
CA ALA B 106 42.88 -25.56 -9.33
C ALA B 106 41.72 -25.96 -10.24
N VAL B 107 40.51 -25.96 -9.68
CA VAL B 107 39.30 -26.31 -10.44
C VAL B 107 38.92 -25.19 -11.40
N VAL B 108 39.09 -23.96 -10.95
CA VAL B 108 38.69 -22.78 -11.71
C VAL B 108 39.75 -22.45 -12.75
N GLU B 109 40.99 -22.81 -12.45
CA GLU B 109 42.15 -22.44 -13.24
C GLU B 109 42.02 -22.79 -14.73
N SER B 110 41.54 -23.99 -15.00
CA SER B 110 41.44 -24.48 -16.38
C SER B 110 40.48 -23.66 -17.24
N SER B 111 39.31 -23.35 -16.71
CA SER B 111 38.30 -22.63 -17.49
C SER B 111 38.63 -21.14 -17.64
N ARG B 112 39.34 -20.57 -16.67
CA ARG B 112 39.72 -19.17 -16.72
C ARG B 112 40.74 -18.92 -17.84
N LYS B 113 41.59 -19.91 -18.11
CA LYS B 113 42.55 -19.79 -19.22
C LYS B 113 41.83 -19.59 -20.54
N LEU B 114 40.72 -20.29 -20.72
CA LEU B 114 39.93 -20.20 -21.95
C LEU B 114 39.41 -18.79 -22.16
N VAL B 115 38.87 -18.20 -21.09
CA VAL B 115 38.33 -16.86 -21.15
C VAL B 115 39.44 -15.86 -21.44
N LYS B 116 40.59 -16.05 -20.79
CA LYS B 116 41.76 -15.21 -21.03
C LYS B 116 42.21 -15.37 -22.47
N GLU B 117 42.26 -16.62 -22.94
CA GLU B 117 42.63 -16.90 -24.31
C GLU B 117 41.69 -16.23 -25.29
N ALA B 118 40.39 -16.37 -25.02
CA ALA B 118 39.35 -15.85 -25.90
C ALA B 118 39.32 -14.33 -25.92
N ALA B 119 39.50 -13.72 -24.75
CA ALA B 119 39.44 -12.27 -24.63
C ALA B 119 40.51 -11.60 -25.48
N VAL B 120 41.70 -12.18 -25.48
CA VAL B 120 42.82 -11.63 -26.23
C VAL B 120 42.62 -11.82 -27.73
N ILE B 121 42.18 -13.01 -28.12
CA ILE B 121 41.97 -13.35 -29.52
C ILE B 121 40.88 -12.49 -30.17
N ILE B 122 39.83 -12.17 -29.42
CA ILE B 122 38.74 -11.34 -29.92
C ILE B 122 39.21 -9.90 -30.20
N CYS B 123 40.03 -9.36 -29.30
CA CYS B 123 40.63 -8.05 -29.50
C CYS B 123 41.47 -8.08 -30.77
N ILE B 124 42.22 -9.17 -30.95
CA ILE B 124 43.04 -9.35 -32.15
C ILE B 124 42.16 -9.39 -33.41
N LYS B 125 41.08 -10.17 -33.36
CA LYS B 125 40.14 -10.24 -34.48
C LYS B 125 39.49 -8.90 -34.82
N ASN B 126 39.36 -8.03 -33.82
CA ASN B 126 38.80 -6.70 -34.03
C ASN B 126 39.89 -5.66 -34.24
N LYS B 127 41.12 -6.13 -34.42
CA LYS B 127 42.30 -5.29 -34.65
C LYS B 127 42.53 -4.29 -33.52
N GLU B 128 42.11 -4.65 -32.31
CA GLU B 128 42.38 -3.84 -31.12
C GLU B 128 43.60 -4.38 -30.38
N PHE B 129 44.77 -4.16 -30.96
CA PHE B 129 46.00 -4.78 -30.47
C PHE B 129 46.48 -4.26 -29.11
N GLU B 130 46.31 -2.97 -28.85
CA GLU B 130 46.73 -2.40 -27.56
C GLU B 130 45.93 -3.03 -26.43
N LYS B 131 44.63 -3.17 -26.65
CA LYS B 131 43.75 -3.78 -25.66
C LYS B 131 44.15 -5.24 -25.51
N ALA B 132 44.42 -5.89 -26.64
CA ALA B 132 44.89 -7.26 -26.64
C ALA B 132 46.16 -7.43 -25.81
N SER B 133 47.11 -6.53 -26.01
CA SER B 133 48.36 -6.56 -25.28
C SER B 133 48.15 -6.35 -23.78
N LYS B 134 47.33 -5.36 -23.43
CA LYS B 134 47.05 -5.04 -22.04
C LYS B 134 46.40 -6.22 -21.31
N ILE B 135 45.43 -6.85 -21.97
CA ILE B 135 44.74 -8.01 -21.41
C ILE B 135 45.71 -9.17 -21.28
N LEU B 136 46.51 -9.40 -22.32
CA LEU B 136 47.50 -10.47 -22.31
C LEU B 136 48.48 -10.28 -21.15
N LYS B 137 48.97 -9.05 -21.01
CA LYS B 137 49.97 -8.75 -20.00
C LYS B 137 49.45 -8.88 -18.57
N LYS B 138 48.16 -8.62 -18.38
CA LYS B 138 47.59 -8.61 -17.03
C LYS B 138 47.03 -9.96 -16.57
N HIS B 139 46.76 -10.86 -17.51
CA HIS B 139 46.01 -12.04 -17.14
C HIS B 139 46.70 -13.33 -17.58
N MET B 140 47.06 -13.40 -18.86
CA MET B 140 47.61 -14.62 -19.43
C MET B 140 49.08 -14.82 -19.00
N SER B 141 49.59 -13.85 -18.25
CA SER B 141 50.96 -13.89 -17.74
C SER B 141 51.14 -14.98 -16.70
N LYS B 142 50.99 -16.23 -17.11
CA LYS B 142 51.24 -17.36 -16.22
C LYS B 142 52.73 -17.71 -16.34
N ASP B 143 53.06 -18.68 -17.21
CA ASP B 143 54.44 -19.15 -17.56
C ASP B 143 54.57 -20.62 -17.96
N PRO B 144 53.88 -21.55 -17.24
CA PRO B 144 54.09 -22.96 -17.55
C PRO B 144 53.52 -23.44 -18.89
N THR B 145 52.37 -24.10 -18.85
CA THR B 145 51.79 -24.73 -20.03
C THR B 145 51.27 -23.71 -21.04
N THR B 146 51.20 -22.45 -20.63
CA THR B 146 50.67 -21.39 -21.47
C THR B 146 51.76 -20.64 -22.23
N GLN B 147 53.02 -20.99 -21.99
CA GLN B 147 54.15 -20.26 -22.55
C GLN B 147 54.15 -20.26 -24.07
N LYS B 148 53.90 -21.43 -24.65
CA LYS B 148 53.95 -21.60 -26.10
C LYS B 148 52.86 -20.75 -26.77
N LEU B 149 51.66 -20.77 -26.19
CA LEU B 149 50.54 -20.00 -26.72
C LEU B 149 50.70 -18.50 -26.49
N ARG B 150 51.11 -18.12 -25.28
CA ARG B 150 51.32 -16.72 -24.94
C ARG B 150 52.35 -16.06 -25.87
N ASN B 151 53.39 -16.80 -26.21
CA ASN B 151 54.40 -16.31 -27.13
C ASN B 151 53.83 -16.15 -28.53
N ASP B 152 52.96 -17.08 -28.93
CA ASP B 152 52.30 -17.00 -30.23
C ASP B 152 51.49 -15.71 -30.31
N LEU B 153 50.76 -15.41 -29.23
CA LEU B 153 49.90 -14.23 -29.20
C LEU B 153 50.70 -12.94 -29.21
N LEU B 154 51.82 -12.93 -28.50
CA LEU B 154 52.70 -11.76 -28.49
C LEU B 154 53.21 -11.45 -29.88
N ASN B 155 53.64 -12.48 -30.60
CA ASN B 155 54.17 -12.31 -31.95
C ASN B 155 53.09 -11.84 -32.93
N ILE B 156 51.89 -12.42 -32.81
CA ILE B 156 50.76 -12.07 -33.67
C ILE B 156 50.36 -10.60 -33.54
N ILE B 157 50.29 -10.12 -32.30
CA ILE B 157 49.91 -8.74 -32.03
C ILE B 157 50.88 -7.76 -32.69
N ARG B 158 52.17 -8.00 -32.54
CA ARG B 158 53.19 -7.11 -33.11
C ARG B 158 53.18 -7.11 -34.64
N GLU B 159 52.93 -8.27 -35.24
CA GLU B 159 52.91 -8.39 -36.70
C GLU B 159 51.52 -8.17 -37.29
N LYS B 160 50.51 -8.06 -36.42
CA LYS B 160 49.12 -7.94 -36.84
C LYS B 160 48.70 -9.10 -37.76
N ASN B 161 49.26 -10.28 -37.50
CA ASN B 161 49.01 -11.48 -38.29
C ASN B 161 47.69 -12.16 -37.93
N LEU B 162 46.59 -11.66 -38.48
CA LEU B 162 45.26 -12.23 -38.19
C LEU B 162 45.09 -13.59 -38.85
N ALA B 163 46.01 -13.93 -39.75
CA ALA B 163 45.90 -15.16 -40.53
C ALA B 163 46.60 -16.30 -39.84
N HIS B 164 47.18 -16.02 -38.68
CA HIS B 164 47.82 -17.05 -37.87
C HIS B 164 46.77 -18.10 -37.53
N PRO B 165 47.16 -19.38 -37.59
CA PRO B 165 46.22 -20.49 -37.34
C PRO B 165 45.53 -20.37 -35.99
N VAL B 166 46.27 -19.97 -34.96
CA VAL B 166 45.73 -19.80 -33.62
C VAL B 166 44.53 -18.83 -33.62
N ILE B 167 44.60 -17.81 -34.47
CA ILE B 167 43.51 -16.85 -34.61
C ILE B 167 42.42 -17.40 -35.54
N GLN B 168 42.85 -18.06 -36.61
CA GLN B 168 41.95 -18.58 -37.63
C GLN B 168 41.18 -19.81 -37.15
N ASN B 169 41.82 -20.66 -36.34
CA ASN B 169 41.20 -21.90 -35.90
C ASN B 169 40.33 -21.74 -34.65
N PHE B 170 40.35 -20.56 -34.05
CA PHE B 170 39.58 -20.31 -32.84
C PHE B 170 38.08 -20.37 -33.14
N SER B 171 37.37 -21.13 -32.32
CA SER B 171 35.92 -21.22 -32.45
C SER B 171 35.24 -20.69 -31.20
N TYR B 172 34.46 -19.62 -31.36
CA TYR B 172 33.79 -19.01 -30.23
C TYR B 172 32.63 -19.88 -29.75
N GLU B 173 31.97 -20.54 -30.69
CA GLU B 173 30.87 -21.45 -30.36
C GLU B 173 31.35 -22.58 -29.46
N THR B 174 32.51 -23.13 -29.81
CA THR B 174 33.12 -24.20 -29.03
C THR B 174 33.51 -23.67 -27.65
N PHE B 175 34.01 -22.44 -27.62
CA PHE B 175 34.39 -21.78 -26.37
C PHE B 175 33.22 -21.58 -25.43
N GLN B 176 32.13 -21.04 -25.96
CA GLN B 176 30.91 -20.80 -25.17
C GLN B 176 30.39 -22.06 -24.52
N GLN B 177 30.29 -23.13 -25.30
CA GLN B 177 29.69 -24.36 -24.82
C GLN B 177 30.54 -25.04 -23.76
N LYS B 178 31.86 -24.89 -23.87
CA LYS B 178 32.75 -25.43 -22.85
C LYS B 178 32.55 -24.68 -21.54
N MET B 179 32.35 -23.37 -21.63
CA MET B 179 32.16 -22.54 -20.45
C MET B 179 30.84 -22.87 -19.75
N LEU B 180 29.79 -23.06 -20.54
CA LEU B 180 28.48 -23.43 -20.00
C LEU B 180 28.53 -24.74 -19.23
N ARG B 181 29.23 -25.71 -19.80
CA ARG B 181 29.34 -27.04 -19.23
C ARG B 181 30.15 -27.00 -17.94
N PHE B 182 31.14 -26.10 -17.91
CA PHE B 182 31.92 -25.87 -16.71
C PHE B 182 31.03 -25.34 -15.60
N LEU B 183 30.25 -24.34 -15.92
CA LEU B 183 29.38 -23.68 -14.95
C LEU B 183 28.28 -24.62 -14.45
N GLU B 184 27.75 -25.44 -15.36
CA GLU B 184 26.69 -26.38 -15.00
C GLU B 184 27.18 -27.47 -14.06
N SER B 185 28.50 -27.71 -14.05
CA SER B 185 29.06 -28.77 -13.23
C SER B 185 29.10 -28.43 -11.75
N HIS B 186 28.79 -27.18 -11.43
CA HIS B 186 28.80 -26.75 -10.04
C HIS B 186 27.39 -26.35 -9.60
N LEU B 187 26.40 -26.72 -10.43
CA LEU B 187 25.01 -26.40 -10.16
C LEU B 187 24.11 -27.58 -9.83
N ASP B 188 23.28 -27.40 -8.82
CA ASP B 188 22.12 -28.26 -8.63
C ASP B 188 21.19 -27.93 -9.81
N ASP B 189 20.66 -28.86 -10.63
CA ASP B 189 20.60 -30.35 -10.64
C ASP B 189 19.10 -30.64 -10.68
N ALA B 190 18.35 -29.94 -9.85
CA ALA B 190 16.91 -30.17 -9.78
C ALA B 190 16.08 -29.26 -10.68
N GLU B 191 14.99 -29.83 -11.17
CA GLU B 191 14.00 -29.17 -12.02
C GLU B 191 13.27 -28.06 -11.27
N PRO B 192 13.03 -26.91 -11.94
CA PRO B 192 12.36 -25.79 -11.28
C PRO B 192 10.88 -26.07 -11.01
N TYR B 193 10.39 -25.62 -9.85
CA TYR B 193 9.04 -25.93 -9.40
C TYR B 193 7.93 -25.61 -10.40
N LEU B 194 8.07 -24.50 -11.11
CA LEU B 194 7.07 -24.10 -12.09
C LEU B 194 6.99 -25.11 -13.24
N LEU B 195 8.13 -25.66 -13.63
CA LEU B 195 8.17 -26.64 -14.71
C LEU B 195 7.45 -27.92 -14.28
N THR B 196 7.75 -28.37 -13.07
CA THR B 196 7.11 -29.55 -12.48
C THR B 196 5.59 -29.38 -12.43
N MET B 197 5.13 -28.19 -12.05
CA MET B 197 3.70 -27.91 -12.00
C MET B 197 3.08 -27.92 -13.38
N ALA B 198 3.84 -27.49 -14.37
CA ALA B 198 3.35 -27.45 -15.74
C ALA B 198 3.22 -28.87 -16.29
N LYS B 199 4.12 -29.75 -15.84
CA LYS B 199 4.12 -31.14 -16.27
C LYS B 199 2.89 -31.86 -15.74
N LYS B 200 2.61 -31.67 -14.45
CA LYS B 200 1.45 -32.28 -13.81
C LYS B 200 0.15 -31.69 -14.33
N ALA B 201 0.25 -30.54 -15.00
CA ALA B 201 -0.92 -29.84 -15.50
C ALA B 201 -1.30 -30.24 -16.93
N LEU B 202 -0.31 -30.60 -17.74
CA LEU B 202 -0.57 -30.88 -19.15
C LEU B 202 -0.53 -32.37 -19.50
N LYS B 203 0.13 -33.15 -18.64
CA LYS B 203 0.31 -34.60 -18.79
C LYS B 203 0.36 -35.11 -20.23
N GLY C 2 4.92 15.09 -1.61
CA GLY C 2 4.88 14.14 -0.51
C GLY C 2 3.47 13.98 0.06
N GLU C 3 2.68 13.13 -0.59
CA GLU C 3 1.28 12.93 -0.20
C GLU C 3 1.14 12.49 1.26
N ALA C 4 2.17 11.85 1.80
CA ALA C 4 2.20 11.50 3.22
C ALA C 4 2.15 12.73 4.12
N ARG C 5 2.80 13.80 3.66
CA ARG C 5 2.82 15.08 4.38
C ARG C 5 1.48 15.78 4.26
N LEU C 6 0.67 15.33 3.30
CA LEU C 6 -0.67 15.87 3.14
C LEU C 6 -1.58 15.23 4.18
N GLU C 7 -1.39 13.93 4.41
CA GLU C 7 -2.17 13.21 5.41
C GLU C 7 -1.86 13.75 6.81
N GLU C 8 -0.57 13.97 7.04
CA GLU C 8 -0.07 14.51 8.30
C GLU C 8 -0.63 15.90 8.57
N ALA C 9 -0.78 16.69 7.51
CA ALA C 9 -1.27 18.06 7.64
C ALA C 9 -2.71 18.12 8.15
N VAL C 10 -3.60 17.35 7.54
CA VAL C 10 -5.01 17.35 7.95
C VAL C 10 -5.15 16.80 9.37
N ASN C 11 -4.38 15.75 9.69
CA ASN C 11 -4.40 15.17 11.03
C ASN C 11 -4.01 16.16 12.11
N ARG C 12 -3.06 17.05 11.82
CA ARG C 12 -2.68 18.07 12.79
C ARG C 12 -3.80 19.07 12.99
N TRP C 13 -4.47 19.42 11.90
CA TRP C 13 -5.57 20.36 11.96
C TRP C 13 -6.70 19.78 12.80
N VAL C 14 -6.97 18.50 12.56
CA VAL C 14 -8.03 17.80 13.26
C VAL C 14 -7.66 17.68 14.74
N LEU C 15 -6.42 17.31 15.01
CA LEU C 15 -5.93 17.23 16.38
C LEU C 15 -6.01 18.55 17.13
N LYS C 16 -5.50 19.62 16.51
CA LYS C 16 -5.48 20.94 17.14
C LYS C 16 -6.88 21.48 17.37
N PHE C 17 -7.79 21.17 16.45
CA PHE C 17 -9.17 21.61 16.56
C PHE C 17 -9.87 20.96 17.75
N TYR C 18 -9.80 19.63 17.83
CA TYR C 18 -10.44 18.91 18.92
C TYR C 18 -9.78 19.20 20.26
N PHE C 19 -8.49 19.56 20.23
CA PHE C 19 -7.83 20.05 21.42
C PHE C 19 -8.53 21.32 21.90
N HIS C 20 -8.86 22.20 20.97
CA HIS C 20 -9.62 23.41 21.25
C HIS C 20 -10.99 23.10 21.82
N GLU C 21 -11.66 22.12 21.23
CA GLU C 21 -12.99 21.73 21.69
C GLU C 21 -12.93 21.08 23.07
N ALA C 22 -11.87 20.34 23.33
CA ALA C 22 -11.67 19.72 24.63
C ALA C 22 -11.55 20.75 25.75
N LEU C 23 -10.77 21.80 25.50
CA LEU C 23 -10.59 22.87 26.46
C LEU C 23 -11.89 23.62 26.69
N ARG C 24 -12.63 23.83 25.60
CA ARG C 24 -13.93 24.48 25.66
C ARG C 24 -14.91 23.67 26.49
N ALA C 25 -14.90 22.36 26.29
CA ALA C 25 -15.77 21.45 27.03
C ALA C 25 -15.42 21.46 28.50
N PHE C 26 -14.12 21.42 28.79
CA PHE C 26 -13.65 21.40 30.17
C PHE C 26 -14.02 22.69 30.91
N ARG C 27 -13.86 23.84 30.24
CA ARG C 27 -14.22 25.12 30.85
C ARG C 27 -15.68 25.22 31.21
N GLY C 28 -16.55 24.63 30.41
CA GLY C 28 -17.98 24.70 30.66
C GLY C 28 -18.44 23.53 31.51
N SER C 29 -17.48 22.83 32.11
CA SER C 29 -17.74 21.69 32.97
C SER C 29 -18.56 20.61 32.26
N ARG C 30 -18.43 20.54 30.94
CA ARG C 30 -19.05 19.48 30.16
C ARG C 30 -18.06 18.34 30.00
N TYR C 31 -17.87 17.59 31.09
CA TYR C 31 -16.82 16.59 31.16
C TYR C 31 -17.16 15.33 30.36
N GLY C 32 -18.45 15.11 30.11
CA GLY C 32 -18.86 14.03 29.24
C GLY C 32 -18.40 14.25 27.81
N ASP C 33 -18.60 15.46 27.31
CA ASP C 33 -18.13 15.84 25.98
C ASP C 33 -16.60 15.83 25.91
N PHE C 34 -15.96 16.27 26.99
CA PHE C 34 -14.51 16.26 27.07
C PHE C 34 -13.99 14.84 26.92
N ARG C 35 -14.61 13.92 27.63
CA ARG C 35 -14.22 12.52 27.58
C ARG C 35 -14.40 11.96 26.17
N GLN C 36 -15.50 12.34 25.51
CA GLN C 36 -15.75 11.90 24.14
C GLN C 36 -14.73 12.47 23.18
N ILE C 37 -14.38 13.74 23.37
CA ILE C 37 -13.39 14.41 22.53
C ILE C 37 -12.01 13.82 22.76
N ARG C 38 -11.70 13.51 24.02
CA ARG C 38 -10.43 12.86 24.37
C ARG C 38 -10.21 11.55 23.62
N ASP C 39 -11.27 10.76 23.49
CA ASP C 39 -11.18 9.45 22.85
C ASP C 39 -10.92 9.57 21.34
N ILE C 40 -11.42 10.65 20.74
CA ILE C 40 -11.16 10.93 19.33
C ILE C 40 -9.68 11.22 19.12
N MET C 41 -9.12 12.04 19.99
CA MET C 41 -7.72 12.40 19.93
C MET C 41 -6.83 11.17 20.18
N GLN C 42 -7.30 10.28 21.02
CA GLN C 42 -6.57 9.04 21.31
C GLN C 42 -6.45 8.15 20.07
N ALA C 43 -7.53 8.06 19.31
CA ALA C 43 -7.54 7.27 18.10
C ALA C 43 -6.67 7.89 17.01
N LEU C 44 -6.47 9.20 17.12
CA LEU C 44 -5.63 9.94 16.17
C LEU C 44 -4.14 9.69 16.40
N LEU C 45 -3.77 9.38 17.64
CA LEU C 45 -2.36 9.28 18.02
C LEU C 45 -1.60 8.23 17.21
N VAL C 46 -2.31 7.25 16.69
CA VAL C 46 -1.68 6.17 15.94
C VAL C 46 -1.46 6.57 14.48
N ARG C 47 -2.08 7.67 14.07
CA ARG C 47 -1.93 8.13 12.69
C ARG C 47 -0.70 9.02 12.55
N PRO C 48 -0.20 9.19 11.33
CA PRO C 48 0.96 10.08 11.14
C PRO C 48 0.63 11.55 11.42
N LEU C 49 1.47 12.17 12.24
CA LEU C 49 1.28 13.56 12.66
C LEU C 49 2.55 14.36 12.45
N GLY C 50 3.59 13.67 11.97
CA GLY C 50 4.93 14.24 11.87
C GLY C 50 5.57 14.34 13.24
N LYS C 51 6.57 15.21 13.37
CA LYS C 51 7.20 15.44 14.66
C LYS C 51 7.32 16.94 14.88
N GLU C 52 6.28 17.53 15.45
CA GLU C 52 6.29 18.96 15.77
C GLU C 52 6.27 19.15 17.28
N HIS C 53 6.97 20.18 17.77
CA HIS C 53 7.00 20.46 19.20
C HIS C 53 5.63 20.91 19.72
N THR C 54 4.84 21.56 18.87
CA THR C 54 3.55 22.09 19.27
C THR C 54 2.53 21.00 19.62
N VAL C 55 2.57 19.88 18.91
CA VAL C 55 1.61 18.80 19.17
C VAL C 55 2.03 17.99 20.39
N SER C 56 3.34 17.90 20.65
CA SER C 56 3.82 17.19 21.83
C SER C 56 3.41 17.94 23.09
N ARG C 57 3.66 19.25 23.11
CA ARG C 57 3.27 20.10 24.21
C ARG C 57 1.75 20.02 24.40
N LEU C 58 1.03 20.05 23.28
CA LEU C 58 -0.43 19.93 23.25
C LEU C 58 -0.89 18.66 23.97
N LEU C 59 -0.27 17.54 23.62
CA LEU C 59 -0.67 16.24 24.18
C LEU C 59 -0.42 16.12 25.68
N ARG C 60 0.63 16.77 26.17
CA ARG C 60 0.93 16.75 27.60
C ARG C 60 -0.19 17.42 28.41
N VAL C 61 -0.64 18.57 27.94
CA VAL C 61 -1.74 19.29 28.58
C VAL C 61 -2.98 18.41 28.57
N MET C 62 -3.24 17.79 27.44
CA MET C 62 -4.37 16.89 27.27
C MET C 62 -4.25 15.69 28.20
N GLN C 63 -3.01 15.23 28.41
CA GLN C 63 -2.74 14.14 29.33
C GLN C 63 -3.03 14.55 30.77
N CYS C 64 -2.63 15.78 31.12
CA CYS C 64 -2.81 16.28 32.47
C CYS C 64 -4.29 16.41 32.78
N LEU C 65 -5.03 17.05 31.88
CA LEU C 65 -6.46 17.22 32.04
C LEU C 65 -7.23 15.89 32.08
N SER C 66 -6.76 14.92 31.29
CA SER C 66 -7.40 13.61 31.24
C SER C 66 -7.33 12.89 32.59
N ARG C 67 -6.17 12.95 33.23
CA ARG C 67 -5.98 12.29 34.51
C ARG C 67 -6.72 13.02 35.62
N ILE C 68 -6.75 14.35 35.51
CA ILE C 68 -7.46 15.19 36.48
C ILE C 68 -8.98 14.95 36.39
N GLU C 69 -9.48 14.81 35.17
CA GLU C 69 -10.91 14.58 34.95
C GLU C 69 -11.37 13.25 35.56
N GLU C 70 -10.50 12.24 35.52
CA GLU C 70 -10.82 10.93 36.08
C GLU C 70 -10.28 10.81 37.51
N GLY C 71 -9.86 11.94 38.07
CA GLY C 71 -9.19 11.96 39.36
C GLY C 71 -9.93 11.42 40.58
N GLU C 72 -11.25 11.42 40.53
CA GLU C 72 -12.05 10.93 41.65
C GLU C 72 -12.30 9.43 41.58
N ASN C 73 -11.93 8.82 40.46
CA ASN C 73 -12.09 7.37 40.26
C ASN C 73 -10.83 6.59 40.59
N LEU C 74 -10.77 6.08 41.81
CA LEU C 74 -9.60 5.35 42.27
C LEU C 74 -9.48 3.93 41.70
N ASP C 75 -10.48 3.46 40.95
CA ASP C 75 -10.37 2.14 40.33
C ASP C 75 -9.68 2.31 38.99
N CYS C 76 -9.48 3.56 38.60
CA CYS C 76 -8.86 3.89 37.32
C CYS C 76 -7.35 4.03 37.47
N SER C 77 -6.63 3.56 36.44
CA SER C 77 -5.18 3.67 36.42
C SER C 77 -4.71 4.10 35.04
N PHE C 78 -3.76 5.05 35.02
CA PHE C 78 -3.25 5.58 33.76
C PHE C 78 -1.85 5.09 33.49
N ASP C 79 -1.20 4.59 34.55
CA ASP C 79 0.12 4.01 34.45
C ASP C 79 0.13 2.51 34.67
N MET C 80 1.10 1.85 34.05
CA MET C 80 1.32 0.41 34.21
C MET C 80 2.79 0.26 34.62
N GLU C 81 3.13 0.18 35.91
CA GLU C 81 2.30 -0.22 37.08
C GLU C 81 0.94 0.41 37.32
N ALA C 82 -0.05 -0.45 37.54
CA ALA C 82 -1.41 -0.04 37.83
C ALA C 82 -1.59 0.47 39.26
N GLU C 83 -0.49 0.86 39.90
CA GLU C 83 -0.59 1.25 41.30
C GLU C 83 -0.59 2.75 41.52
N LEU C 84 -0.72 3.54 40.45
CA LEU C 84 -0.91 4.99 40.65
C LEU C 84 -2.37 5.39 40.52
N THR C 85 -2.79 6.26 41.43
CA THR C 85 -4.05 6.94 41.33
C THR C 85 -3.92 7.96 40.21
N PRO C 86 -5.04 8.32 39.56
CA PRO C 86 -5.01 9.26 38.43
C PRO C 86 -4.31 10.57 38.73
N LEU C 87 -4.45 11.07 39.96
CA LEU C 87 -3.83 12.33 40.34
C LEU C 87 -2.32 12.20 40.55
N GLU C 88 -1.86 11.01 40.89
CA GLU C 88 -0.42 10.75 40.95
C GLU C 88 0.15 10.77 39.54
N SER C 89 -0.64 10.25 38.61
CA SER C 89 -0.29 10.28 37.20
C SER C 89 -0.23 11.72 36.72
N ALA C 90 -1.17 12.53 37.22
CA ALA C 90 -1.24 13.94 36.85
C ALA C 90 0.01 14.68 37.30
N ILE C 91 0.54 14.30 38.47
CA ILE C 91 1.75 14.90 38.99
C ILE C 91 2.96 14.60 38.09
N ASN C 92 3.06 13.36 37.63
CA ASN C 92 4.17 12.98 36.74
C ASN C 92 4.09 13.73 35.41
N VAL C 93 2.88 13.85 34.88
CA VAL C 93 2.66 14.55 33.62
C VAL C 93 3.02 16.01 33.79
N LEU C 94 2.65 16.57 34.95
CA LEU C 94 2.92 17.96 35.25
C LEU C 94 4.42 18.27 35.21
N GLU C 95 5.23 17.32 35.67
CA GLU C 95 6.68 17.49 35.62
C GLU C 95 7.22 17.40 34.20
N MET C 96 6.59 16.57 33.38
CA MET C 96 6.95 16.51 31.96
C MET C 96 6.65 17.85 31.30
N ILE C 97 5.54 18.46 31.70
CA ILE C 97 5.11 19.75 31.17
C ILE C 97 6.10 20.84 31.57
N LYS C 98 6.56 20.79 32.81
CA LYS C 98 7.56 21.72 33.32
C LYS C 98 8.81 21.67 32.45
N THR C 99 9.25 20.47 32.13
CA THR C 99 10.43 20.25 31.29
C THR C 99 10.20 20.74 29.86
N GLU C 100 9.19 20.16 29.21
CA GLU C 100 8.91 20.43 27.80
C GLU C 100 8.54 21.88 27.51
N PHE C 101 7.98 22.58 28.50
CA PHE C 101 7.60 23.97 28.33
C PHE C 101 8.69 24.91 28.85
N THR C 102 9.78 24.31 29.34
CA THR C 102 10.89 25.04 29.95
C THR C 102 10.41 26.04 30.98
N LEU C 103 9.64 25.56 31.96
CA LEU C 103 9.12 26.42 33.00
C LEU C 103 10.02 26.43 34.23
N THR C 104 9.99 27.51 34.99
CA THR C 104 10.74 27.61 36.23
C THR C 104 9.98 26.95 37.37
N GLU C 105 10.71 26.39 38.33
CA GLU C 105 10.12 25.71 39.48
C GLU C 105 9.16 26.61 40.26
N ALA C 106 9.47 27.90 40.32
CA ALA C 106 8.66 28.85 41.04
C ALA C 106 7.27 29.01 40.41
N VAL C 107 7.21 28.87 39.09
CA VAL C 107 5.96 28.99 38.35
C VAL C 107 5.03 27.80 38.61
N VAL C 108 5.63 26.61 38.70
CA VAL C 108 4.87 25.36 38.82
C VAL C 108 4.44 25.02 40.25
N GLU C 109 5.22 25.44 41.24
CA GLU C 109 5.04 24.99 42.62
C GLU C 109 3.60 25.16 43.16
N SER C 110 2.96 26.27 42.85
CA SER C 110 1.62 26.54 43.36
C SER C 110 0.58 25.54 42.83
N SER C 111 0.61 25.26 41.53
CA SER C 111 -0.38 24.38 40.93
C SER C 111 -0.10 22.91 41.26
N ARG C 112 1.18 22.58 41.43
CA ARG C 112 1.52 21.20 41.78
C ARG C 112 1.03 20.90 43.19
N LYS C 113 1.06 21.91 44.06
CA LYS C 113 0.52 21.76 45.40
C LYS C 113 -0.96 21.43 45.40
N LEU C 114 -1.70 22.06 44.49
CA LEU C 114 -3.14 21.83 44.38
C LEU C 114 -3.40 20.36 44.05
N VAL C 115 -2.64 19.83 43.10
CA VAL C 115 -2.76 18.45 42.69
C VAL C 115 -2.38 17.52 43.84
N LYS C 116 -1.33 17.88 44.57
CA LYS C 116 -0.89 17.09 45.71
C LYS C 116 -1.96 17.04 46.80
N GLU C 117 -2.52 18.21 47.09
CA GLU C 117 -3.59 18.34 48.06
C GLU C 117 -4.80 17.53 47.63
N ALA C 118 -5.13 17.61 46.34
CA ALA C 118 -6.29 16.89 45.81
C ALA C 118 -6.07 15.39 45.87
N ALA C 119 -4.84 14.96 45.57
CA ALA C 119 -4.52 13.53 45.56
C ALA C 119 -4.74 12.88 46.94
N VAL C 120 -4.31 13.59 47.99
CA VAL C 120 -4.42 13.08 49.35
C VAL C 120 -5.87 13.10 49.85
N ILE C 121 -6.57 14.20 49.61
CA ILE C 121 -7.94 14.38 50.08
C ILE C 121 -8.89 13.36 49.45
N ILE C 122 -8.67 13.05 48.17
CA ILE C 122 -9.48 12.06 47.48
C ILE C 122 -9.26 10.66 48.06
N CYS C 123 -8.01 10.33 48.37
CA CYS C 123 -7.71 9.08 49.04
C CYS C 123 -8.38 9.03 50.41
N ILE C 124 -8.32 10.15 51.13
CA ILE C 124 -8.97 10.28 52.43
C ILE C 124 -10.48 10.14 52.34
N LYS C 125 -11.09 10.85 51.40
CA LYS C 125 -12.54 10.78 51.18
C LYS C 125 -13.04 9.37 50.85
N ASN C 126 -12.18 8.57 50.24
CA ASN C 126 -12.53 7.19 49.90
C ASN C 126 -12.05 6.23 50.98
N LYS C 127 -11.62 6.79 52.12
CA LYS C 127 -11.14 6.02 53.26
C LYS C 127 -9.94 5.13 52.91
N GLU C 128 -9.16 5.58 51.94
CA GLU C 128 -7.92 4.92 51.58
C GLU C 128 -6.77 5.58 52.33
N PHE C 129 -6.74 5.37 53.64
CA PHE C 129 -5.84 6.10 54.52
C PHE C 129 -4.37 5.71 54.34
N GLU C 130 -4.10 4.44 54.04
CA GLU C 130 -2.72 4.00 53.81
C GLU C 130 -2.18 4.70 52.57
N LYS C 131 -2.99 4.76 51.53
CA LYS C 131 -2.59 5.40 50.29
C LYS C 131 -2.40 6.90 50.48
N ALA C 132 -3.32 7.53 51.21
CA ALA C 132 -3.21 8.94 51.51
C ALA C 132 -1.91 9.28 52.22
N SER C 133 -1.57 8.48 53.24
CA SER C 133 -0.35 8.68 54.00
C SER C 133 0.88 8.53 53.11
N LYS C 134 0.89 7.46 52.30
CA LYS C 134 2.00 7.20 51.40
C LYS C 134 2.22 8.34 50.41
N ILE C 135 1.13 8.87 49.85
CA ILE C 135 1.21 9.98 48.91
C ILE C 135 1.71 11.24 49.62
N LEU C 136 1.17 11.50 50.80
CA LEU C 136 1.58 12.67 51.58
C LEU C 136 3.07 12.63 51.88
N LYS C 137 3.56 11.47 52.33
CA LYS C 137 4.96 11.36 52.69
C LYS C 137 5.87 11.68 51.51
N LYS C 138 5.55 11.13 50.33
CA LYS C 138 6.44 11.29 49.18
C LYS C 138 6.25 12.62 48.43
N HIS C 139 5.20 13.37 48.72
CA HIS C 139 4.92 14.56 47.92
C HIS C 139 4.68 15.81 48.75
N MET C 140 4.49 15.65 50.06
CA MET C 140 4.16 16.80 50.90
C MET C 140 5.34 17.14 51.79
N SER C 141 6.39 16.31 51.75
CA SER C 141 7.57 16.58 52.54
C SER C 141 8.38 17.73 51.95
N LYS C 142 7.68 18.74 51.44
CA LYS C 142 8.33 19.94 50.94
C LYS C 142 8.33 21.00 52.02
N ASP C 143 9.38 21.80 52.01
CA ASP C 143 9.64 22.78 53.06
C ASP C 143 8.51 23.83 53.18
N PRO C 144 8.41 24.54 54.33
CA PRO C 144 7.18 25.13 54.90
C PRO C 144 5.94 25.21 54.02
N THR C 145 5.54 26.41 53.61
CA THR C 145 4.28 26.69 52.91
C THR C 145 3.08 25.80 53.29
N THR C 146 3.30 24.49 53.33
CA THR C 146 2.23 23.52 53.57
C THR C 146 2.09 23.12 55.03
N GLN C 147 3.20 22.66 55.62
CA GLN C 147 3.26 22.10 56.99
C GLN C 147 2.04 22.27 57.91
N LYS C 148 1.34 23.39 57.81
CA LYS C 148 0.07 23.56 58.51
C LYS C 148 -0.97 22.59 57.94
N LEU C 149 -1.07 22.57 56.61
CA LEU C 149 -2.00 21.67 55.91
C LEU C 149 -1.53 20.22 56.01
N ARG C 150 -0.23 20.02 55.79
CA ARG C 150 0.37 18.70 55.88
C ARG C 150 0.17 18.09 57.27
N ASN C 151 0.25 18.91 58.31
CA ASN C 151 0.00 18.44 59.66
C ASN C 151 -1.47 18.10 59.87
N ASP C 152 -2.35 18.91 59.30
CA ASP C 152 -3.79 18.69 59.40
C ASP C 152 -4.20 17.35 58.81
N LEU C 153 -3.63 17.03 57.65
CA LEU C 153 -3.99 15.82 56.94
C LEU C 153 -3.53 14.58 57.69
N LEU C 154 -2.32 14.64 58.25
CA LEU C 154 -1.78 13.55 59.05
C LEU C 154 -2.64 13.27 60.27
N ASN C 155 -3.16 14.34 60.86
CA ASN C 155 -4.06 14.24 62.00
C ASN C 155 -5.40 13.62 61.58
N ILE C 156 -5.93 14.11 60.46
CA ILE C 156 -7.17 13.58 59.90
C ILE C 156 -7.06 12.09 59.57
N ILE C 157 -5.94 11.71 58.95
CA ILE C 157 -5.71 10.31 58.58
C ILE C 157 -5.69 9.41 59.81
N ARG C 158 -4.96 9.85 60.82
CA ARG C 158 -4.81 9.10 62.05
C ARG C 158 -6.14 8.97 62.81
N GLU C 159 -6.94 10.05 62.79
CA GLU C 159 -8.23 10.04 63.46
C GLU C 159 -9.38 9.67 62.52
N LYS C 160 -9.07 9.43 61.25
CA LYS C 160 -10.07 9.13 60.22
C LYS C 160 -11.21 10.14 60.20
N ASN C 161 -10.86 11.43 60.28
CA ASN C 161 -11.85 12.48 60.48
C ASN C 161 -12.26 13.19 59.18
N LEU C 162 -13.15 12.56 58.41
CA LEU C 162 -13.59 13.12 57.13
C LEU C 162 -14.52 14.34 57.32
N ALA C 163 -14.92 14.61 58.55
CA ALA C 163 -15.83 15.73 58.79
C ALA C 163 -15.04 17.01 59.02
N HIS C 164 -13.71 16.88 59.02
CA HIS C 164 -12.82 18.02 59.13
C HIS C 164 -13.07 18.97 57.96
N PRO C 165 -13.09 20.28 58.22
CA PRO C 165 -13.33 21.29 57.18
C PRO C 165 -12.33 21.23 56.03
N VAL C 166 -11.09 20.83 56.30
CA VAL C 166 -10.10 20.65 55.25
C VAL C 166 -10.60 19.66 54.21
N ILE C 167 -11.21 18.57 54.70
CA ILE C 167 -11.83 17.58 53.82
C ILE C 167 -13.18 18.07 53.30
N GLN C 168 -13.99 18.62 54.20
CA GLN C 168 -15.36 18.99 53.88
C GLN C 168 -15.48 20.21 52.96
N ASN C 169 -14.52 21.13 53.03
CA ASN C 169 -14.60 22.33 52.20
C ASN C 169 -13.96 22.15 50.83
N PHE C 170 -13.31 21.01 50.62
CA PHE C 170 -12.64 20.75 49.36
C PHE C 170 -13.65 20.62 48.23
N SER C 171 -13.41 21.36 47.15
CA SER C 171 -14.25 21.27 45.96
C SER C 171 -13.41 20.80 44.79
N TYR C 172 -13.74 19.64 44.25
CA TYR C 172 -12.97 19.09 43.14
C TYR C 172 -13.19 19.94 41.89
N GLU C 173 -14.39 20.47 41.73
CA GLU C 173 -14.71 21.35 40.62
C GLU C 173 -13.84 22.60 40.62
N THR C 174 -13.66 23.17 41.81
CA THR C 174 -12.83 24.37 41.97
C THR C 174 -11.37 24.04 41.66
N PHE C 175 -10.94 22.85 42.10
CA PHE C 175 -9.60 22.36 41.84
C PHE C 175 -9.32 22.16 40.35
N GLN C 176 -10.25 21.49 39.66
CA GLN C 176 -10.14 21.26 38.23
C GLN C 176 -9.99 22.53 37.40
N GLN C 177 -10.86 23.50 37.68
CA GLN C 177 -10.93 24.71 36.87
C GLN C 177 -9.69 25.58 37.07
N LYS C 178 -9.11 25.52 38.27
CA LYS C 178 -7.85 26.21 38.53
C LYS C 178 -6.74 25.60 37.71
N MET C 179 -6.75 24.28 37.62
CA MET C 179 -5.73 23.56 36.88
C MET C 179 -5.83 23.87 35.40
N LEU C 180 -7.06 23.92 34.88
CA LEU C 180 -7.29 24.25 33.48
C LEU C 180 -6.75 25.64 33.15
N ARG C 181 -7.05 26.60 34.01
CA ARG C 181 -6.61 27.97 33.81
C ARG C 181 -5.11 28.11 33.97
N PHE C 182 -4.51 27.31 34.86
CA PHE C 182 -3.06 27.31 34.99
C PHE C 182 -2.41 26.81 33.70
N LEU C 183 -2.90 25.68 33.19
CA LEU C 183 -2.34 25.06 31.99
C LEU C 183 -2.55 25.90 30.73
N GLU C 184 -3.69 26.55 30.61
CA GLU C 184 -4.00 27.37 29.44
C GLU C 184 -3.09 28.59 29.36
N SER C 185 -2.52 28.98 30.49
CA SER C 185 -1.66 30.15 30.56
C SER C 185 -0.29 29.94 29.92
N HIS C 186 -0.01 28.70 29.54
CA HIS C 186 1.28 28.37 28.94
C HIS C 186 1.12 27.93 27.48
N LEU C 187 -0.01 28.26 26.88
CA LEU C 187 -0.29 27.85 25.50
C LEU C 187 -0.18 29.03 24.53
N ASP C 188 0.87 29.01 23.71
CA ASP C 188 0.99 29.91 22.56
C ASP C 188 -0.02 29.59 21.45
N ASP C 189 -1.26 29.30 21.82
CA ASP C 189 -2.24 28.74 20.89
C ASP C 189 -3.03 29.77 20.06
N ALA C 190 -3.02 29.53 18.75
CA ALA C 190 -3.75 30.33 17.77
C ALA C 190 -5.08 29.64 17.50
N GLU C 191 -6.09 30.38 17.04
CA GLU C 191 -7.37 29.77 16.73
C GLU C 191 -7.14 28.69 15.67
N PRO C 192 -7.78 27.52 15.82
CA PRO C 192 -7.48 26.45 14.87
C PRO C 192 -8.01 26.72 13.46
N TYR C 193 -7.19 26.36 12.48
CA TYR C 193 -7.47 26.62 11.07
C TYR C 193 -8.82 26.06 10.62
N LEU C 194 -9.18 24.88 11.14
CA LEU C 194 -10.46 24.27 10.81
C LEU C 194 -11.62 25.12 11.31
N LEU C 195 -11.45 25.68 12.51
CA LEU C 195 -12.46 26.53 13.10
C LEU C 195 -12.56 27.84 12.33
N THR C 196 -11.40 28.41 11.98
CA THR C 196 -11.34 29.64 11.20
C THR C 196 -12.12 29.49 9.89
N MET C 197 -11.96 28.34 9.24
CA MET C 197 -12.67 28.03 8.00
C MET C 197 -14.18 27.86 8.21
N ALA C 198 -14.54 27.35 9.37
CA ALA C 198 -15.94 27.07 9.70
C ALA C 198 -16.75 28.35 9.89
N LYS C 199 -16.05 29.40 10.34
CA LYS C 199 -16.66 30.68 10.62
C LYS C 199 -17.19 31.29 9.33
N LYS C 200 -16.47 31.02 8.24
CA LYS C 200 -16.92 31.40 6.92
C LYS C 200 -18.17 30.58 6.59
N ALA C 201 -19.24 30.92 7.32
CA ALA C 201 -20.54 30.23 7.40
C ALA C 201 -20.71 28.89 6.69
N LEU C 202 -20.50 28.85 5.37
CA LEU C 202 -20.89 27.68 4.59
C LEU C 202 -19.89 27.29 3.51
N LYS C 203 -19.51 26.01 3.53
CA LYS C 203 -18.65 25.43 2.49
C LYS C 203 -18.69 23.91 2.59
N ALA D 1 -21.90 33.04 13.32
CA ALA D 1 -22.42 31.68 13.31
C ALA D 1 -22.36 31.04 14.69
N GLY D 2 -23.41 30.32 15.04
CA GLY D 2 -23.54 29.68 16.35
C GLY D 2 -22.47 28.64 16.68
N GLU D 3 -22.12 28.57 17.96
CA GLU D 3 -21.09 27.67 18.46
C GLU D 3 -21.36 26.20 18.16
N ALA D 4 -22.63 25.82 18.09
CA ALA D 4 -23.00 24.44 17.78
C ALA D 4 -23.02 24.16 16.28
N ARG D 5 -23.41 25.14 15.48
CA ARG D 5 -23.41 24.97 14.02
C ARG D 5 -21.98 24.98 13.49
N LEU D 6 -21.05 25.46 14.30
CA LEU D 6 -19.65 25.48 13.94
C LEU D 6 -18.99 24.13 14.18
N GLU D 7 -19.31 23.52 15.32
CA GLU D 7 -18.77 22.22 15.66
C GLU D 7 -19.29 21.12 14.73
N GLU D 8 -20.59 21.16 14.48
CA GLU D 8 -21.25 20.18 13.62
C GLU D 8 -20.68 20.20 12.21
N ALA D 9 -20.38 21.41 11.73
CA ALA D 9 -19.82 21.57 10.39
C ALA D 9 -18.45 20.93 10.29
N VAL D 10 -17.58 21.24 11.24
CA VAL D 10 -16.23 20.69 11.26
C VAL D 10 -16.28 19.18 11.44
N ASN D 11 -17.17 18.71 12.32
CA ASN D 11 -17.35 17.28 12.52
C ASN D 11 -17.79 16.56 11.24
N ARG D 12 -18.59 17.23 10.41
CA ARG D 12 -19.00 16.63 9.14
C ARG D 12 -17.82 16.55 8.17
N TRP D 13 -17.01 17.61 8.14
CA TRP D 13 -15.84 17.65 7.26
C TRP D 13 -14.83 16.59 7.64
N VAL D 14 -14.60 16.45 8.95
CA VAL D 14 -13.64 15.49 9.46
C VAL D 14 -14.10 14.06 9.20
N LEU D 15 -15.39 13.81 9.47
CA LEU D 15 -15.98 12.50 9.19
C LEU D 15 -15.86 12.12 7.72
N LYS D 16 -16.25 13.05 6.85
CA LYS D 16 -16.24 12.82 5.41
C LYS D 16 -14.82 12.63 4.89
N PHE D 17 -13.87 13.33 5.50
CA PHE D 17 -12.47 13.21 5.11
C PHE D 17 -11.91 11.83 5.43
N TYR D 18 -12.10 11.37 6.67
CA TYR D 18 -11.61 10.06 7.07
C TYR D 18 -12.35 8.92 6.37
N PHE D 19 -13.60 9.17 5.99
CA PHE D 19 -14.33 8.22 5.15
C PHE D 19 -13.58 8.04 3.84
N HIS D 20 -13.11 9.14 3.27
CA HIS D 20 -12.32 9.11 2.04
C HIS D 20 -11.02 8.34 2.23
N GLU D 21 -10.36 8.55 3.36
CA GLU D 21 -9.11 7.84 3.66
C GLU D 21 -9.36 6.35 3.92
N ALA D 22 -10.49 6.05 4.54
CA ALA D 22 -10.87 4.67 4.80
C ALA D 22 -11.03 3.86 3.51
N LEU D 23 -11.69 4.46 2.51
CA LEU D 23 -11.88 3.82 1.22
C LEU D 23 -10.54 3.58 0.53
N ARG D 24 -9.65 4.56 0.66
CA ARG D 24 -8.32 4.49 0.08
C ARG D 24 -7.51 3.33 0.66
N ALA D 25 -7.59 3.17 1.97
CA ALA D 25 -6.89 2.09 2.66
C ALA D 25 -7.42 0.73 2.27
N PHE D 26 -8.74 0.60 2.22
CA PHE D 26 -9.38 -0.66 1.87
C PHE D 26 -9.05 -1.02 0.42
N ARG D 27 -9.08 -0.02 -0.45
CA ARG D 27 -8.80 -0.22 -1.87
C ARG D 27 -7.38 -0.74 -2.08
N GLY D 28 -6.45 -0.28 -1.27
CA GLY D 28 -5.07 -0.70 -1.38
C GLY D 28 -4.74 -1.88 -0.49
N SER D 29 -5.79 -2.51 0.03
CA SER D 29 -5.66 -3.66 0.93
C SER D 29 -4.80 -3.35 2.15
N ARG D 30 -4.81 -2.08 2.56
CA ARG D 30 -4.14 -1.67 3.78
C ARG D 30 -5.14 -1.69 4.92
N TYR D 31 -5.47 -2.90 5.37
CA TYR D 31 -6.55 -3.12 6.32
C TYR D 31 -6.20 -2.67 7.73
N GLY D 32 -4.89 -2.59 8.02
CA GLY D 32 -4.45 -2.04 9.29
C GLY D 32 -4.77 -0.56 9.39
N ASP D 33 -4.50 0.18 8.32
CA ASP D 33 -4.86 1.60 8.26
C ASP D 33 -6.36 1.79 8.28
N PHE D 34 -7.09 0.89 7.62
CA PHE D 34 -8.54 0.97 7.58
C PHE D 34 -9.19 0.87 8.96
N ARG D 35 -8.77 -0.12 9.74
CA ARG D 35 -9.32 -0.31 11.08
C ARG D 35 -9.04 0.88 11.98
N GLN D 36 -7.83 1.45 11.87
CA GLN D 36 -7.45 2.60 12.68
C GLN D 36 -8.29 3.82 12.31
N ILE D 37 -8.55 4.00 11.03
CA ILE D 37 -9.37 5.11 10.56
C ILE D 37 -10.81 4.86 10.99
N ARG D 38 -11.24 3.60 10.92
CA ARG D 38 -12.57 3.20 11.38
C ARG D 38 -12.80 3.56 12.85
N ASP D 39 -11.77 3.37 13.67
CA ASP D 39 -11.88 3.63 15.10
C ASP D 39 -12.01 5.13 15.39
N ILE D 40 -11.38 5.94 14.55
CA ILE D 40 -11.49 7.39 14.66
C ILE D 40 -12.91 7.82 14.33
N MET D 41 -13.44 7.28 13.24
CA MET D 41 -14.79 7.57 12.81
C MET D 41 -15.77 7.07 13.85
N GLN D 42 -15.41 5.96 14.50
CA GLN D 42 -16.24 5.38 15.53
C GLN D 42 -16.42 6.33 16.70
N ALA D 43 -15.32 6.95 17.12
CA ALA D 43 -15.34 7.91 18.23
C ALA D 43 -16.05 9.19 17.83
N LEU D 44 -16.11 9.44 16.53
CA LEU D 44 -16.73 10.63 15.97
C LEU D 44 -18.26 10.58 15.96
N LEU D 45 -18.84 9.38 15.86
CA LEU D 45 -20.29 9.22 15.71
C LEU D 45 -21.10 9.77 16.87
N VAL D 46 -20.47 9.81 18.05
CA VAL D 46 -21.16 10.22 19.27
C VAL D 46 -21.21 11.74 19.37
N ARG D 47 -20.49 12.41 18.48
CA ARG D 47 -20.47 13.86 18.49
C ARG D 47 -21.65 14.39 17.68
N PRO D 48 -22.02 15.67 17.90
CA PRO D 48 -23.09 16.26 17.10
C PRO D 48 -22.69 16.38 15.63
N LEU D 49 -23.57 15.94 14.73
CA LEU D 49 -23.23 15.92 13.32
C LEU D 49 -24.26 16.67 12.47
N GLY D 50 -25.29 17.21 13.11
CA GLY D 50 -26.34 17.85 12.35
C GLY D 50 -27.29 16.90 11.64
N LYS D 51 -27.87 17.41 10.56
CA LYS D 51 -28.82 16.67 9.73
C LYS D 51 -28.21 15.45 9.03
N GLU D 52 -28.61 15.24 7.76
CA GLU D 52 -28.03 14.21 6.89
C GLU D 52 -28.32 12.76 7.32
N HIS D 53 -28.51 11.78 6.42
CA HIS D 53 -28.55 11.75 4.92
C HIS D 53 -27.17 11.56 4.21
N THR D 54 -26.37 12.58 3.88
CA THR D 54 -25.12 12.20 3.18
C THR D 54 -24.19 11.43 4.14
N VAL D 55 -24.22 11.78 5.42
CA VAL D 55 -23.40 11.04 6.38
C VAL D 55 -24.04 9.71 6.80
N SER D 56 -25.37 9.59 6.74
CA SER D 56 -26.02 8.33 7.07
C SER D 56 -25.66 7.26 6.04
N ARG D 57 -25.77 7.65 4.77
CA ARG D 57 -25.39 6.79 3.66
C ARG D 57 -23.92 6.41 3.80
N LEU D 58 -23.11 7.41 4.13
CA LEU D 58 -21.68 7.25 4.38
C LEU D 58 -21.41 6.20 5.45
N LEU D 59 -22.13 6.30 6.57
CA LEU D 59 -21.92 5.39 7.70
C LEU D 59 -22.35 3.95 7.43
N ARG D 60 -23.39 3.77 6.61
CA ARG D 60 -23.85 2.43 6.26
C ARG D 60 -22.76 1.69 5.49
N VAL D 61 -22.18 2.38 4.52
CA VAL D 61 -21.09 1.84 3.71
C VAL D 61 -19.93 1.49 4.64
N MET D 62 -19.64 2.40 5.56
CA MET D 62 -18.58 2.19 6.54
C MET D 62 -18.88 0.99 7.42
N GLN D 63 -20.16 0.80 7.73
CA GLN D 63 -20.61 -0.36 8.51
C GLN D 63 -20.44 -1.65 7.73
N CYS D 64 -20.77 -1.61 6.44
CA CYS D 64 -20.69 -2.78 5.59
C CYS D 64 -19.24 -3.21 5.43
N LEU D 65 -18.39 -2.24 5.09
CA LEU D 65 -16.96 -2.48 4.91
C LEU D 65 -16.29 -2.99 6.19
N SER D 66 -16.74 -2.48 7.33
CA SER D 66 -16.19 -2.90 8.62
C SER D 66 -16.46 -4.37 8.91
N ARG D 67 -17.67 -4.82 8.63
CA ARG D 67 -18.07 -6.20 8.88
C ARG D 67 -17.40 -7.17 7.91
N ILE D 68 -17.23 -6.73 6.66
CA ILE D 68 -16.56 -7.53 5.65
C ILE D 68 -15.08 -7.73 6.00
N GLU D 69 -14.45 -6.67 6.50
CA GLU D 69 -13.03 -6.73 6.86
C GLU D 69 -12.78 -7.74 7.98
N GLU D 70 -13.73 -7.84 8.91
CA GLU D 70 -13.61 -8.78 10.02
C GLU D 70 -14.33 -10.09 9.76
N GLY D 71 -14.75 -10.30 8.51
CA GLY D 71 -15.57 -11.44 8.15
C GLY D 71 -15.01 -12.83 8.41
N GLU D 72 -13.69 -12.94 8.46
CA GLU D 72 -13.06 -14.25 8.69
C GLU D 72 -12.92 -14.53 10.18
N ASN D 73 -13.14 -13.50 10.99
CA ASN D 73 -13.04 -13.65 12.44
C ASN D 73 -14.41 -13.91 13.06
N LEU D 74 -14.73 -15.18 13.27
CA LEU D 74 -16.03 -15.56 13.80
C LEU D 74 -16.15 -15.28 15.30
N ASP D 75 -15.04 -14.83 15.89
CA ASP D 75 -15.03 -14.49 17.31
C ASP D 75 -15.48 -13.05 17.54
N CYS D 76 -15.66 -12.31 16.46
CA CYS D 76 -16.10 -10.92 16.54
C CYS D 76 -17.63 -10.88 16.46
N SER D 77 -18.22 -9.94 17.18
CA SER D 77 -19.67 -9.78 17.14
C SER D 77 -20.00 -8.31 16.96
N PHE D 78 -20.91 -8.02 16.04
CA PHE D 78 -21.24 -6.64 15.74
C PHE D 78 -22.61 -6.30 16.30
N ASP D 79 -23.41 -7.34 16.52
CA ASP D 79 -24.67 -7.20 17.21
C ASP D 79 -24.49 -7.95 18.52
N MET D 80 -25.00 -7.40 19.62
CA MET D 80 -24.83 -8.07 20.90
C MET D 80 -26.11 -8.74 21.35
N GLU D 81 -27.22 -8.29 20.78
CA GLU D 81 -28.50 -8.89 21.05
C GLU D 81 -28.68 -10.13 20.19
N ALA D 82 -27.83 -10.26 19.18
CA ALA D 82 -27.90 -11.40 18.26
C ALA D 82 -26.65 -12.25 18.29
N GLU D 83 -26.72 -13.41 17.64
CA GLU D 83 -25.57 -14.28 17.46
C GLU D 83 -25.24 -14.40 15.98
N LEU D 84 -25.04 -13.26 15.32
CA LEU D 84 -24.65 -13.25 13.92
C LEU D 84 -23.15 -13.16 13.72
N THR D 85 -22.68 -13.92 12.73
CA THR D 85 -21.31 -13.80 12.24
C THR D 85 -21.19 -12.44 11.55
N PRO D 86 -19.97 -11.89 11.50
CA PRO D 86 -19.76 -10.55 10.93
C PRO D 86 -20.32 -10.40 9.51
N LEU D 87 -20.24 -11.45 8.71
CA LEU D 87 -20.75 -11.39 7.34
C LEU D 87 -22.28 -11.45 7.30
N GLU D 88 -22.89 -12.03 8.32
CA GLU D 88 -24.36 -12.00 8.45
C GLU D 88 -24.83 -10.59 8.78
N SER D 89 -24.04 -9.89 9.60
CA SER D 89 -24.34 -8.50 9.91
C SER D 89 -24.25 -7.66 8.65
N ALA D 90 -23.30 -8.00 7.80
CA ALA D 90 -23.10 -7.29 6.54
C ALA D 90 -24.30 -7.42 5.61
N ILE D 91 -24.95 -8.57 5.63
CA ILE D 91 -26.14 -8.77 4.81
C ILE D 91 -27.23 -7.82 5.26
N ASN D 92 -27.38 -7.68 6.58
CA ASN D 92 -28.36 -6.76 7.16
C ASN D 92 -28.07 -5.30 6.80
N VAL D 93 -26.79 -4.94 6.86
CA VAL D 93 -26.36 -3.59 6.52
C VAL D 93 -26.59 -3.30 5.06
N LEU D 94 -26.33 -4.32 4.23
CA LEU D 94 -26.52 -4.20 2.78
C LEU D 94 -27.95 -3.85 2.43
N GLU D 95 -28.89 -4.38 3.21
CA GLU D 95 -30.30 -4.09 2.99
C GLU D 95 -30.64 -2.65 3.36
N MET D 96 -29.99 -2.11 4.38
CA MET D 96 -30.14 -0.71 4.72
C MET D 96 -29.57 0.17 3.61
N ILE D 97 -28.47 -0.29 3.02
CA ILE D 97 -27.81 0.42 1.93
C ILE D 97 -28.70 0.47 0.70
N LYS D 98 -29.36 -0.65 0.40
CA LYS D 98 -30.29 -0.72 -0.72
C LYS D 98 -31.39 0.34 -0.59
N THR D 99 -31.95 0.44 0.61
CA THR D 99 -33.01 1.40 0.89
C THR D 99 -32.54 2.84 0.81
N GLU D 100 -31.56 3.18 1.64
CA GLU D 100 -31.08 4.56 1.76
C GLU D 100 -30.48 5.09 0.45
N PHE D 101 -29.96 4.19 -0.39
CA PHE D 101 -29.42 4.60 -1.68
C PHE D 101 -30.46 4.43 -2.78
N THR D 102 -31.64 3.96 -2.39
CA THR D 102 -32.74 3.67 -3.32
C THR D 102 -32.31 2.86 -4.54
N LEU D 103 -31.70 1.70 -4.30
CA LEU D 103 -31.28 0.83 -5.41
C LEU D 103 -32.35 -0.18 -5.75
N THR D 104 -32.32 -0.66 -6.98
CA THR D 104 -33.25 -1.69 -7.41
C THR D 104 -32.74 -3.03 -6.92
N GLU D 105 -33.65 -3.94 -6.62
CA GLU D 105 -33.30 -5.26 -6.09
C GLU D 105 -32.32 -6.01 -6.99
N ALA D 106 -32.44 -5.80 -8.30
CA ALA D 106 -31.60 -6.49 -9.27
C ALA D 106 -30.14 -6.07 -9.18
N VAL D 107 -29.88 -4.82 -8.83
CA VAL D 107 -28.51 -4.33 -8.72
C VAL D 107 -27.81 -4.89 -7.47
N VAL D 108 -28.56 -5.00 -6.39
CA VAL D 108 -27.98 -5.41 -5.11
C VAL D 108 -27.84 -6.93 -5.01
N GLU D 109 -28.72 -7.67 -5.69
CA GLU D 109 -28.78 -9.13 -5.57
C GLU D 109 -27.43 -9.80 -5.85
N SER D 110 -26.75 -9.32 -6.88
CA SER D 110 -25.48 -9.90 -7.30
C SER D 110 -24.44 -9.77 -6.19
N SER D 111 -24.38 -8.60 -5.57
CA SER D 111 -23.41 -8.36 -4.51
C SER D 111 -23.83 -9.04 -3.21
N ARG D 112 -25.14 -9.14 -2.96
CA ARG D 112 -25.62 -9.85 -1.79
C ARG D 112 -25.36 -11.33 -1.96
N LYS D 113 -25.41 -11.77 -3.22
CA LYS D 113 -25.12 -13.14 -3.58
C LYS D 113 -23.70 -13.48 -3.14
N LEU D 114 -22.80 -12.53 -3.32
CA LEU D 114 -21.40 -12.70 -2.96
C LEU D 114 -21.20 -12.88 -1.45
N VAL D 115 -21.85 -12.04 -0.65
CA VAL D 115 -21.72 -12.08 0.80
C VAL D 115 -22.28 -13.37 1.39
N LYS D 116 -23.51 -13.72 1.01
CA LYS D 116 -24.15 -14.94 1.48
C LYS D 116 -23.27 -16.16 1.24
N GLU D 117 -22.69 -16.24 0.04
CA GLU D 117 -21.78 -17.31 -0.32
C GLU D 117 -20.49 -17.25 0.50
N ALA D 118 -19.97 -16.04 0.68
CA ALA D 118 -18.73 -15.86 1.42
C ALA D 118 -18.96 -16.23 2.88
N ALA D 119 -20.14 -15.88 3.37
CA ALA D 119 -20.52 -16.18 4.75
C ALA D 119 -20.54 -17.68 5.00
N VAL D 120 -21.05 -18.45 4.04
CA VAL D 120 -21.17 -19.90 4.19
C VAL D 120 -19.80 -20.57 4.14
N ILE D 121 -18.97 -20.17 3.20
CA ILE D 121 -17.65 -20.77 3.02
C ILE D 121 -16.76 -20.56 4.25
N ILE D 122 -16.87 -19.38 4.87
CA ILE D 122 -16.12 -19.09 6.09
C ILE D 122 -16.61 -19.98 7.25
N CYS D 123 -17.92 -20.14 7.35
CA CYS D 123 -18.51 -21.03 8.34
C CYS D 123 -18.03 -22.46 8.11
N ILE D 124 -17.98 -22.86 6.86
CA ILE D 124 -17.51 -24.20 6.48
C ILE D 124 -16.05 -24.37 6.91
N LYS D 125 -15.21 -23.37 6.61
CA LYS D 125 -13.81 -23.41 6.99
C LYS D 125 -13.59 -23.54 8.50
N ASN D 126 -14.54 -23.01 9.28
CA ASN D 126 -14.47 -23.12 10.74
C ASN D 126 -15.29 -24.29 11.28
N LYS D 127 -15.72 -25.16 10.36
CA LYS D 127 -16.51 -26.34 10.70
C LYS D 127 -17.82 -25.99 11.41
N GLU D 128 -18.36 -24.82 11.07
CA GLU D 128 -19.67 -24.42 11.55
C GLU D 128 -20.71 -24.81 10.51
N PHE D 129 -20.92 -26.11 10.35
CA PHE D 129 -21.73 -26.65 9.27
C PHE D 129 -23.20 -26.32 9.48
N GLU D 130 -23.59 -26.26 10.75
CA GLU D 130 -24.95 -25.96 11.15
C GLU D 130 -25.34 -24.55 10.72
N LYS D 131 -24.49 -23.58 11.08
CA LYS D 131 -24.69 -22.19 10.69
C LYS D 131 -24.69 -22.02 9.18
N ALA D 132 -23.76 -22.68 8.53
CA ALA D 132 -23.62 -22.61 7.08
C ALA D 132 -24.91 -23.06 6.40
N SER D 133 -25.47 -24.16 6.90
CA SER D 133 -26.72 -24.70 6.38
C SER D 133 -27.85 -23.68 6.57
N LYS D 134 -27.91 -23.11 7.78
CA LYS D 134 -28.94 -22.13 8.11
C LYS D 134 -28.87 -20.91 7.20
N ILE D 135 -27.65 -20.43 6.95
CA ILE D 135 -27.42 -19.28 6.08
C ILE D 135 -27.77 -19.61 4.63
N LEU D 136 -27.34 -20.79 4.18
CA LEU D 136 -27.56 -21.24 2.81
C LEU D 136 -29.04 -21.32 2.46
N LYS D 137 -29.87 -21.77 3.41
CA LYS D 137 -31.29 -21.96 3.16
C LYS D 137 -31.98 -20.64 2.81
N LYS D 138 -31.45 -19.53 3.33
CA LYS D 138 -32.06 -18.22 3.12
C LYS D 138 -31.50 -17.56 1.86
N HIS D 139 -31.10 -18.39 0.91
CA HIS D 139 -30.40 -17.95 -0.29
C HIS D 139 -31.12 -18.49 -1.50
N MET D 140 -32.12 -17.75 -1.96
CA MET D 140 -33.00 -18.20 -3.04
C MET D 140 -32.67 -17.42 -4.30
N SER D 141 -31.37 -17.28 -4.54
CA SER D 141 -30.89 -16.58 -5.71
C SER D 141 -31.34 -17.28 -6.98
N LYS D 142 -31.62 -18.57 -6.86
CA LYS D 142 -32.00 -19.41 -7.99
C LYS D 142 -31.00 -19.22 -9.12
N ASP D 143 -31.49 -19.25 -10.36
CA ASP D 143 -30.69 -18.99 -11.55
C ASP D 143 -29.56 -20.02 -11.73
N PRO D 144 -29.11 -20.21 -12.98
CA PRO D 144 -28.05 -21.21 -13.18
C PRO D 144 -26.71 -20.74 -12.64
N THR D 145 -25.69 -21.57 -12.75
CA THR D 145 -24.34 -21.30 -12.21
C THR D 145 -24.28 -20.92 -10.72
N THR D 146 -25.42 -20.55 -10.15
CA THR D 146 -25.52 -20.14 -8.76
C THR D 146 -26.00 -21.37 -8.02
N GLN D 147 -27.11 -21.93 -8.51
CA GLN D 147 -27.68 -23.13 -7.93
C GLN D 147 -26.66 -24.27 -8.03
N LYS D 148 -25.82 -24.21 -9.05
CA LYS D 148 -24.68 -25.09 -9.18
C LYS D 148 -23.75 -24.94 -7.99
N LEU D 149 -23.48 -23.70 -7.61
CA LEU D 149 -22.65 -23.43 -6.46
C LEU D 149 -23.41 -23.84 -5.19
N ARG D 150 -24.70 -23.53 -5.14
CA ARG D 150 -25.54 -23.90 -4.01
C ARG D 150 -25.54 -25.42 -3.79
N ASN D 151 -25.60 -26.16 -4.88
CA ASN D 151 -25.59 -27.62 -4.83
C ASN D 151 -24.25 -28.14 -4.35
N ASP D 152 -23.18 -27.50 -4.80
CA ASP D 152 -21.82 -27.84 -4.39
C ASP D 152 -21.64 -27.63 -2.89
N LEU D 153 -22.16 -26.51 -2.40
CA LEU D 153 -22.03 -26.15 -0.99
C LEU D 153 -22.82 -27.11 -0.11
N LEU D 154 -23.99 -27.52 -0.59
CA LEU D 154 -24.83 -28.45 0.14
C LEU D 154 -24.12 -29.78 0.37
N ASN D 155 -23.47 -30.30 -0.68
CA ASN D 155 -22.76 -31.57 -0.58
C ASN D 155 -21.53 -31.45 0.33
N ILE D 156 -20.81 -30.34 0.21
CA ILE D 156 -19.62 -30.10 1.03
C ILE D 156 -20.00 -30.08 2.49
N ILE D 157 -21.10 -29.39 2.80
CA ILE D 157 -21.61 -29.32 4.16
C ILE D 157 -21.98 -30.71 4.65
N ARG D 158 -22.67 -31.48 3.82
CA ARG D 158 -23.09 -32.83 4.17
C ARG D 158 -21.90 -33.76 4.35
N GLU D 159 -20.87 -33.59 3.52
CA GLU D 159 -19.69 -34.45 3.58
C GLU D 159 -18.60 -33.89 4.48
N LYS D 160 -18.83 -32.70 5.04
CA LYS D 160 -17.83 -32.01 5.86
C LYS D 160 -16.49 -31.95 5.11
N ASN D 161 -16.56 -31.61 3.83
CA ASN D 161 -15.41 -31.73 2.93
C ASN D 161 -14.67 -30.41 2.75
N LEU D 162 -13.79 -30.10 3.69
CA LEU D 162 -13.05 -28.84 3.67
C LEU D 162 -12.01 -28.82 2.56
N ALA D 163 -11.76 -29.97 1.95
CA ALA D 163 -10.72 -30.10 0.94
C ALA D 163 -11.25 -29.85 -0.47
N HIS D 164 -12.55 -29.60 -0.57
CA HIS D 164 -13.16 -29.29 -1.86
C HIS D 164 -12.55 -28.03 -2.43
N PRO D 165 -12.31 -28.02 -3.76
CA PRO D 165 -11.71 -26.87 -4.45
C PRO D 165 -12.47 -25.57 -4.22
N VAL D 166 -13.81 -25.61 -4.21
CA VAL D 166 -14.62 -24.44 -3.95
C VAL D 166 -14.23 -23.77 -2.63
N ILE D 167 -13.85 -24.59 -1.65
CA ILE D 167 -13.41 -24.08 -0.36
C ILE D 167 -11.93 -23.68 -0.40
N GLN D 168 -11.10 -24.54 -0.97
CA GLN D 168 -9.65 -24.33 -0.96
C GLN D 168 -9.20 -23.24 -1.91
N ASN D 169 -9.93 -23.04 -3.00
CA ASN D 169 -9.57 -22.04 -4.00
C ASN D 169 -10.19 -20.67 -3.71
N PHE D 170 -11.04 -20.62 -2.69
CA PHE D 170 -11.74 -19.38 -2.34
C PHE D 170 -10.75 -18.32 -1.88
N SER D 171 -10.90 -17.12 -2.43
CA SER D 171 -10.06 -16.00 -2.03
C SER D 171 -10.90 -14.90 -1.41
N TYR D 172 -10.66 -14.63 -0.13
CA TYR D 172 -11.42 -13.62 0.59
C TYR D 172 -11.03 -12.24 0.11
N GLU D 173 -9.76 -12.10 -0.29
CA GLU D 173 -9.25 -10.84 -0.82
C GLU D 173 -10.00 -10.41 -2.08
N THR D 174 -10.25 -11.36 -2.97
CA THR D 174 -10.98 -11.09 -4.19
C THR D 174 -12.42 -10.70 -3.85
N PHE D 175 -12.98 -11.39 -2.85
CA PHE D 175 -14.32 -11.11 -2.38
C PHE D 175 -14.45 -9.71 -1.79
N GLN D 176 -13.51 -9.34 -0.92
CA GLN D 176 -13.50 -8.01 -0.32
C GLN D 176 -13.47 -6.91 -1.37
N GLN D 177 -12.56 -7.05 -2.33
CA GLN D 177 -12.34 -6.02 -3.33
C GLN D 177 -13.52 -5.90 -4.28
N LYS D 178 -14.23 -7.01 -4.48
CA LYS D 178 -15.44 -7.01 -5.29
C LYS D 178 -16.55 -6.18 -4.67
N MET D 179 -16.70 -6.35 -3.35
CA MET D 179 -17.75 -5.65 -2.62
C MET D 179 -17.46 -4.16 -2.58
N LEU D 180 -16.18 -3.82 -2.39
CA LEU D 180 -15.77 -2.42 -2.36
C LEU D 180 -16.06 -1.73 -3.70
N ARG D 181 -15.77 -2.40 -4.81
CA ARG D 181 -16.00 -1.80 -6.12
C ARG D 181 -17.49 -1.60 -6.35
N PHE D 182 -18.31 -2.51 -5.83
CA PHE D 182 -19.75 -2.33 -5.91
C PHE D 182 -20.18 -1.09 -5.14
N LEU D 183 -19.72 -0.96 -3.91
CA LEU D 183 -20.09 0.17 -3.06
C LEU D 183 -19.57 1.50 -3.60
N GLU D 184 -18.35 1.51 -4.13
CA GLU D 184 -17.77 2.75 -4.63
C GLU D 184 -18.50 3.24 -5.87
N SER D 185 -19.18 2.32 -6.56
CA SER D 185 -19.90 2.65 -7.78
C SER D 185 -21.19 3.42 -7.49
N HIS D 186 -21.55 3.49 -6.20
CA HIS D 186 -22.76 4.17 -5.78
C HIS D 186 -22.45 5.37 -4.89
N LEU D 187 -21.21 5.83 -4.94
CA LEU D 187 -20.73 6.93 -4.11
C LEU D 187 -20.45 8.22 -4.90
N ASP D 188 -20.79 9.34 -4.28
CA ASP D 188 -20.38 10.66 -4.73
C ASP D 188 -18.85 10.71 -4.68
N ASP D 189 -18.23 10.56 -5.84
CA ASP D 189 -16.77 10.42 -5.93
C ASP D 189 -16.06 11.77 -5.90
N ALA D 190 -16.58 12.72 -5.14
CA ALA D 190 -15.92 14.00 -5.04
C ALA D 190 -14.98 14.01 -3.85
N GLU D 191 -13.86 14.70 -4.00
CA GLU D 191 -12.88 14.82 -2.94
C GLU D 191 -13.40 15.60 -1.74
N PRO D 192 -13.04 15.17 -0.53
CA PRO D 192 -13.52 15.81 0.69
C PRO D 192 -12.94 17.22 0.85
N TYR D 193 -13.75 18.12 1.37
CA TYR D 193 -13.41 19.53 1.52
C TYR D 193 -12.07 19.78 2.19
N LEU D 194 -11.76 18.99 3.21
CA LEU D 194 -10.50 19.12 3.94
C LEU D 194 -9.30 18.81 3.05
N LEU D 195 -9.46 17.83 2.17
CA LEU D 195 -8.42 17.44 1.23
C LEU D 195 -8.15 18.55 0.22
N THR D 196 -9.24 19.10 -0.34
CA THR D 196 -9.15 20.20 -1.29
C THR D 196 -8.42 21.39 -0.67
N MET D 197 -8.77 21.70 0.56
CA MET D 197 -8.12 22.81 1.28
C MET D 197 -6.67 22.52 1.64
N ALA D 198 -6.36 21.26 1.91
CA ALA D 198 -5.00 20.89 2.27
C ALA D 198 -4.11 20.97 1.03
N LYS D 199 -4.70 20.68 -0.13
CA LYS D 199 -3.97 20.74 -1.39
C LYS D 199 -3.62 22.17 -1.75
N LYS D 200 -4.52 23.10 -1.45
CA LYS D 200 -4.28 24.51 -1.70
C LYS D 200 -3.18 25.05 -0.80
N ALA D 201 -3.19 24.65 0.46
CA ALA D 201 -2.25 25.21 1.43
C ALA D 201 -0.83 24.71 1.17
N LEU D 202 -0.71 23.48 0.68
CA LEU D 202 0.60 22.88 0.43
C LEU D 202 1.10 23.14 -0.99
N LYS D 203 0.20 23.54 -1.89
CA LYS D 203 0.56 23.81 -3.27
C LYS D 203 -0.23 25.00 -3.82
N ASN E 2 -1.10 7.67 -36.62
CA ASN E 2 -1.84 6.43 -36.75
C ASN E 2 -1.62 5.49 -35.57
N ARG E 3 -0.39 5.49 -35.03
CA ARG E 3 0.04 4.59 -33.95
C ARG E 3 0.09 3.13 -34.37
N ARG E 5 -0.94 2.69 -35.09
CA ARG E 5 -1.15 1.31 -35.56
C ARG E 5 -0.03 0.31 -35.25
N LEU E 6 1.21 0.65 -35.60
CA LEU E 6 2.33 -0.30 -35.55
C LEU E 6 2.97 -0.49 -34.15
N GLU E 7 2.89 0.51 -33.29
CA GLU E 7 3.37 0.32 -31.92
C GLU E 7 2.28 -0.39 -31.10
N LEU E 8 1.03 -0.23 -31.53
CA LEU E 8 -0.09 -0.87 -30.88
C LEU E 8 -0.04 -2.37 -31.11
N GLU E 9 0.13 -2.75 -32.38
CA GLU E 9 0.20 -4.16 -32.77
C GLU E 9 1.36 -4.82 -32.04
N ALA E 10 2.40 -4.04 -31.80
CA ALA E 10 3.60 -4.52 -31.11
C ALA E 10 3.30 -4.79 -29.64
N TYR E 11 2.12 -4.33 -29.19
CA TYR E 11 1.69 -4.43 -27.81
C TYR E 11 2.63 -3.68 -26.88
N ARG E 12 3.01 -2.48 -27.30
CA ARG E 12 3.91 -1.66 -26.51
C ARG E 12 3.14 -1.12 -25.31
N LEU E 13 3.64 -1.42 -24.11
CA LEU E 13 2.99 -1.00 -22.88
C LEU E 13 3.58 0.32 -22.41
N GLY E 14 4.90 0.33 -22.26
CA GLY E 14 5.61 1.53 -21.85
C GLY E 14 5.70 2.51 -23.00
N PRO E 15 6.00 3.78 -22.68
CA PRO E 15 6.05 4.92 -23.61
C PRO E 15 7.28 4.94 -24.52
N ALA E 16 7.10 5.46 -25.72
CA ALA E 16 8.21 5.71 -26.64
C ALA E 16 9.30 6.55 -25.98
N SER E 17 8.96 7.76 -25.56
CA SER E 17 9.90 8.62 -24.86
C SER E 17 9.31 9.17 -23.56
N GLU F 1 4.05 3.08 -4.33
CA GLU F 1 4.81 3.55 -5.49
C GLU F 1 6.30 3.33 -5.28
N ASN F 2 6.66 2.18 -4.72
CA ASN F 2 8.04 1.87 -4.44
C ASN F 2 8.84 1.47 -5.67
N ARG F 3 9.31 0.23 -5.70
CA ARG F 3 9.11 -0.70 -4.60
C ARG F 3 10.10 -1.84 -4.70
N GLU F 4 11.38 -1.48 -4.79
CA GLU F 4 12.44 -2.43 -5.02
C GLU F 4 12.81 -3.26 -3.80
N LEU F 6 14.11 -3.56 -3.73
CA LEU F 6 14.82 -4.24 -2.63
C LEU F 6 15.98 -5.04 -3.21
N GLU F 7 17.12 -4.39 -3.48
CA GLU F 7 18.33 -5.10 -3.90
C GLU F 7 19.55 -4.21 -4.08
N LEU F 8 19.54 -3.41 -5.17
CA LEU F 8 20.67 -2.67 -5.77
C LEU F 8 21.22 -3.44 -6.96
N GLU F 9 22.02 -2.79 -7.81
CA GLU F 9 22.61 -3.48 -8.96
C GLU F 9 23.77 -4.37 -8.52
N ALA F 10 24.88 -4.34 -9.26
CA ALA F 10 26.02 -5.24 -9.05
C ALA F 10 25.64 -6.71 -9.31
N TYR F 11 24.34 -6.93 -9.51
CA TYR F 11 23.82 -8.19 -10.02
C TYR F 11 23.34 -7.94 -11.43
N ARG F 12 23.96 -6.97 -12.10
CA ARG F 12 23.55 -6.61 -13.45
C ARG F 12 23.83 -7.72 -14.44
N LEU F 13 22.78 -8.16 -15.12
CA LEU F 13 22.88 -9.21 -16.12
C LEU F 13 23.17 -8.59 -17.49
N GLY F 14 22.32 -7.67 -17.91
CA GLY F 14 22.51 -6.98 -19.18
C GLY F 14 23.66 -5.98 -19.10
N PRO F 15 23.94 -5.30 -20.23
CA PRO F 15 25.01 -4.31 -20.28
C PRO F 15 24.59 -2.95 -19.73
N GLU G 7 6.05 6.51 20.28
CA GLU G 7 5.66 5.80 21.50
C GLU G 7 4.28 6.25 21.96
N LEU G 8 3.24 5.58 21.47
CA LEU G 8 1.87 5.95 21.77
C LEU G 8 1.50 5.70 23.22
N GLU G 9 2.36 4.99 23.94
CA GLU G 9 2.18 4.79 25.38
C GLU G 9 2.61 6.03 26.15
N ALA G 10 3.65 6.70 25.66
CA ALA G 10 4.14 7.92 26.29
C ALA G 10 3.10 9.04 26.28
N TYR G 11 2.31 9.10 25.20
CA TYR G 11 1.31 10.16 25.04
C TYR G 11 -0.12 9.66 25.22
N ARG G 12 -0.29 8.56 25.95
CA ARG G 12 -1.61 7.97 26.14
C ARG G 12 -2.53 8.91 26.94
N LEU G 13 -3.69 9.21 26.36
CA LEU G 13 -4.63 10.14 26.96
C LEU G 13 -5.59 9.43 27.91
N GLY G 14 -6.41 8.55 27.36
CA GLY G 14 -7.39 7.83 28.14
C GLY G 14 -6.77 6.80 29.08
N PRO G 15 -7.59 6.24 29.97
CA PRO G 15 -7.12 5.28 30.98
C PRO G 15 -6.66 3.97 30.38
N ALA G 16 -5.62 3.37 30.95
CA ALA G 16 -5.24 2.01 30.59
C ALA G 16 -6.19 1.04 31.27
N SER G 17 -6.41 1.27 32.57
CA SER G 17 -7.24 0.40 33.40
C SER G 17 -6.85 -1.07 33.24
N ALA G 18 -5.61 -1.36 33.59
CA ALA G 18 -5.07 -2.72 33.54
C ALA G 18 -3.79 -2.79 34.35
N GLU H 4 -30.29 14.18 20.24
CA GLU H 4 -29.97 14.68 18.91
C GLU H 4 -28.73 13.97 18.35
N ARG H 5 -28.07 13.20 19.20
CA ARG H 5 -26.81 12.56 18.86
C ARG H 5 -27.01 11.15 18.30
N LEU H 6 -26.39 10.88 17.15
CA LEU H 6 -26.52 9.59 16.47
C LEU H 6 -25.94 8.46 17.31
N GLU H 7 -26.77 7.92 18.19
CA GLU H 7 -26.45 6.79 19.07
C GLU H 7 -25.46 5.78 18.52
N LEU H 8 -24.69 5.20 19.42
CA LEU H 8 -23.60 4.31 19.07
C LEU H 8 -24.00 3.00 18.38
N GLU H 9 -24.89 2.23 19.00
CA GLU H 9 -25.22 0.90 18.47
C GLU H 9 -25.87 0.83 17.08
N ALA H 10 -26.71 1.80 16.74
CA ALA H 10 -27.39 1.77 15.44
C ALA H 10 -26.45 2.07 14.27
N TYR H 11 -25.30 2.66 14.58
CA TYR H 11 -24.34 3.05 13.55
C TYR H 11 -22.96 2.54 13.95
N ARG H 12 -22.92 1.31 14.45
CA ARG H 12 -21.69 0.69 14.91
C ARG H 12 -20.76 0.25 13.78
N LEU H 13 -19.52 0.76 13.82
CA LEU H 13 -18.53 0.42 12.83
C LEU H 13 -17.63 -0.70 13.33
N GLY H 14 -16.97 -0.48 14.47
CA GLY H 14 -16.09 -1.47 15.04
C GLY H 14 -16.82 -2.57 15.79
N PRO H 15 -16.16 -3.71 16.00
CA PRO H 15 -16.93 -4.77 16.65
C PRO H 15 -17.12 -4.51 18.16
N ALA H 16 -18.32 -4.80 18.66
CA ALA H 16 -18.61 -4.76 20.09
C ALA H 16 -17.67 -5.61 20.94
N SER H 17 -17.61 -6.90 20.63
CA SER H 17 -16.71 -7.81 21.33
C SER H 17 -15.80 -8.57 20.36
N ALA H 18 -14.66 -9.00 20.87
CA ALA H 18 -13.70 -9.77 20.11
C ALA H 18 -12.78 -10.54 21.05
C1 GOL I . 18.95 -25.95 -14.55
O1 GOL I . 18.53 -25.79 -13.21
C2 GOL I . 19.01 -27.43 -14.90
O2 GOL I . 20.37 -27.82 -15.06
C3 GOL I . 18.37 -28.25 -13.78
O3 GOL I . 17.99 -29.50 -14.29
C1 GOL J . -8.55 27.67 23.22
O1 GOL J . -8.21 28.50 24.30
C2 GOL J . -7.34 27.57 22.28
O2 GOL J . -7.02 26.22 22.02
C3 GOL J . -7.60 28.32 20.98
O3 GOL J . -7.23 29.67 21.14
MG MG K . -1.66 -1.87 6.80
#